data_6S2I
#
_entry.id   6S2I
#
_cell.length_a   62.880
_cell.length_b   113.690
_cell.length_c   66.950
_cell.angle_alpha   90.00
_cell.angle_beta   91.24
_cell.angle_gamma   90.00
#
_symmetry.space_group_name_H-M   'P 1 21 1'
#
loop_
_entity.id
_entity.type
_entity.pdbx_description
1 polymer 'scFv C1'
2 branched 'N-glycolyl-alpha-neuraminic acid-(2-3)-beta-D-galactopyranose-(1-4)-beta-D-glucopyranose'
3 water water
#
_entity_poly.entity_id   1
_entity_poly.type   'polypeptide(L)'
_entity_poly.pdbx_seq_one_letter_code
;QVQLQQSGAELAKPGASMKMSCRASGYSFTSYWIHWLKQRPDQGLEWIGYIDPATAYTESNQKFKDKAILTADRSSNTAF
MYLNSLTSEDSAVYYCARESPRLRRGIYYYAMDYWGQGTTVTVSSKLSGSASAPKLEEGEFSEARVDIQMTQTPSSLSAS
LGDRVTISCRASQDISNYLNWYQQKPDGTVKLLIYYTSRLHSGVPSRFSGSGSGTDYSLTISNLEQEDIATYFCQQGNTL
PPTFGAGTKLELK
;
_entity_poly.pdbx_strand_id   A,B,C,D,E,F,G,H
#
loop_
_chem_comp.id
_chem_comp.type
_chem_comp.name
_chem_comp.formula
BGC D-saccharide, beta linking beta-D-glucopyranose 'C6 H12 O6'
GAL D-saccharide, beta linking beta-D-galactopyranose 'C6 H12 O6'
NGC D-saccharide, alpha linking 'N-glycolyl-alpha-neuraminic acid' 'C11 H19 N O10'
#
# COMPACT_ATOMS: atom_id res chain seq x y z
N GLN A 1 -15.44 4.72 -19.21
CA GLN A 1 -14.21 5.03 -19.92
C GLN A 1 -13.04 4.26 -19.31
N VAL A 2 -12.27 3.60 -20.16
CA VAL A 2 -11.16 2.77 -19.70
C VAL A 2 -9.94 3.64 -19.47
N GLN A 3 -9.34 3.53 -18.28
CA GLN A 3 -8.15 4.27 -17.93
C GLN A 3 -7.11 3.33 -17.34
N LEU A 4 -5.85 3.56 -17.69
CA LEU A 4 -4.71 2.84 -17.11
C LEU A 4 -3.76 3.89 -16.55
N GLN A 5 -3.77 4.07 -15.23
CA GLN A 5 -2.90 5.02 -14.56
C GLN A 5 -1.61 4.31 -14.15
N GLN A 6 -0.50 4.72 -14.75
CA GLN A 6 0.80 4.13 -14.42
C GLN A 6 1.48 4.93 -13.32
N SER A 7 2.43 4.28 -12.65
CA SER A 7 3.15 4.90 -11.54
C SER A 7 4.07 6.00 -12.06
N GLY A 8 4.61 6.77 -11.12
CA GLY A 8 5.46 7.89 -11.47
C GLY A 8 6.83 7.45 -11.95
N ALA A 9 7.56 8.42 -12.49
CA ALA A 9 8.91 8.17 -12.99
C ALA A 9 9.84 7.81 -11.84
N GLU A 10 10.71 6.83 -12.07
CA GLU A 10 11.66 6.37 -11.06
C GLU A 10 13.09 6.61 -11.53
N LEU A 11 13.97 6.87 -10.58
CA LEU A 11 15.39 7.14 -10.81
C LEU A 11 16.17 6.02 -10.12
N ALA A 12 16.54 5.00 -10.88
CA ALA A 12 17.09 3.77 -10.34
C ALA A 12 18.59 3.70 -10.53
N LYS A 13 19.25 2.86 -9.68
CA LYS A 13 20.67 2.56 -9.66
C LYS A 13 20.99 1.35 -10.54
N PRO A 14 22.17 1.32 -11.14
CA PRO A 14 22.57 0.15 -11.92
C PRO A 14 22.64 -1.10 -11.05
N GLY A 15 22.09 -2.20 -11.57
CA GLY A 15 22.09 -3.45 -10.85
C GLY A 15 20.96 -3.64 -9.86
N ALA A 16 20.21 -2.59 -9.55
CA ALA A 16 19.12 -2.69 -8.59
C ALA A 16 17.87 -3.24 -9.27
N SER A 17 16.83 -3.47 -8.47
CA SER A 17 15.53 -3.88 -8.97
C SER A 17 14.52 -2.76 -8.75
N MET A 18 13.40 -2.84 -9.47
CA MET A 18 12.37 -1.82 -9.36
C MET A 18 11.02 -2.42 -9.70
N LYS A 19 9.97 -1.68 -9.32
CA LYS A 19 8.59 -2.13 -9.44
C LYS A 19 7.73 -0.98 -9.91
N MET A 20 6.91 -1.21 -10.94
CA MET A 20 5.97 -0.22 -11.43
C MET A 20 4.59 -0.86 -11.53
N SER A 21 3.57 -0.01 -11.49
CA SER A 21 2.19 -0.48 -11.40
C SER A 21 1.34 0.13 -12.50
N CYS A 22 0.24 -0.57 -12.81
CA CYS A 22 -0.71 -0.16 -13.85
C CYS A 22 -2.11 -0.32 -13.26
N ARG A 23 -2.75 0.81 -12.94
CA ARG A 23 -4.04 0.79 -12.26
C ARG A 23 -5.16 0.83 -13.29
N ALA A 24 -6.08 -0.14 -13.20
CA ALA A 24 -7.17 -0.27 -14.15
C ALA A 24 -8.47 0.22 -13.50
N SER A 25 -9.19 1.08 -14.22
CA SER A 25 -10.50 1.54 -13.80
C SER A 25 -11.40 1.64 -15.02
N GLY A 26 -12.70 1.45 -14.80
CA GLY A 26 -13.68 1.61 -15.86
C GLY A 26 -13.97 0.37 -16.67
N TYR A 27 -13.43 -0.78 -16.31
CA TYR A 27 -13.74 -2.01 -17.02
C TYR A 27 -13.46 -3.20 -16.10
N SER A 28 -13.80 -4.39 -16.58
CA SER A 28 -13.56 -5.63 -15.85
C SER A 28 -12.10 -6.02 -16.03
N PHE A 29 -11.31 -5.84 -14.96
CA PHE A 29 -9.87 -6.07 -15.02
C PHE A 29 -9.52 -7.51 -15.37
N THR A 30 -10.42 -8.46 -15.11
CA THR A 30 -10.14 -9.88 -15.31
C THR A 30 -10.58 -10.40 -16.67
N SER A 31 -11.14 -9.55 -17.53
CA SER A 31 -11.65 -10.00 -18.82
C SER A 31 -10.69 -9.76 -19.97
N TYR A 32 -9.56 -9.08 -19.74
CA TYR A 32 -8.64 -8.76 -20.80
C TYR A 32 -7.21 -8.83 -20.29
N TRP A 33 -6.29 -9.14 -21.19
CA TRP A 33 -4.88 -9.17 -20.86
C TRP A 33 -4.36 -7.76 -20.61
N ILE A 34 -3.23 -7.68 -19.93
CA ILE A 34 -2.48 -6.44 -19.76
C ILE A 34 -1.09 -6.66 -20.36
N HIS A 35 -0.82 -6.02 -21.50
CA HIS A 35 0.49 -6.07 -22.11
C HIS A 35 1.40 -5.03 -21.49
N TRP A 36 2.70 -5.33 -21.45
CA TRP A 36 3.72 -4.39 -21.00
C TRP A 36 4.69 -4.18 -22.14
N LEU A 37 5.01 -2.92 -22.42
CA LEU A 37 5.83 -2.57 -23.57
C LEU A 37 6.93 -1.60 -23.17
N LYS A 38 7.98 -1.56 -23.98
CA LYS A 38 9.15 -0.73 -23.72
C LYS A 38 9.46 0.11 -24.96
N GLN A 39 9.80 1.38 -24.74
CA GLN A 39 10.14 2.28 -25.84
C GLN A 39 11.40 3.06 -25.51
N ARG A 40 12.37 3.00 -26.40
CA ARG A 40 13.63 3.72 -26.26
C ARG A 40 13.53 5.08 -26.94
N PRO A 41 14.48 5.98 -26.68
CA PRO A 41 14.38 7.35 -27.24
C PRO A 41 14.27 7.35 -28.76
N ASP A 42 13.17 7.93 -29.25
CA ASP A 42 12.92 8.10 -30.68
C ASP A 42 13.02 6.76 -31.43
N GLN A 43 12.54 5.70 -30.79
CA GLN A 43 12.60 4.36 -31.36
C GLN A 43 11.21 3.73 -31.36
N GLY A 44 11.15 2.48 -31.82
CA GLY A 44 9.91 1.73 -31.84
C GLY A 44 9.62 1.07 -30.51
N LEU A 45 8.46 0.41 -30.47
CA LEU A 45 7.97 -0.22 -29.25
C LEU A 45 8.42 -1.68 -29.18
N GLU A 46 8.95 -2.07 -28.02
CA GLU A 46 9.32 -3.45 -27.74
C GLU A 46 8.28 -4.07 -26.82
N TRP A 47 7.82 -5.27 -27.16
CA TRP A 47 6.83 -5.98 -26.37
C TRP A 47 7.54 -6.83 -25.31
N ILE A 48 7.21 -6.61 -24.05
CA ILE A 48 7.81 -7.34 -22.95
C ILE A 48 7.03 -8.62 -22.65
N GLY A 49 5.72 -8.51 -22.56
CA GLY A 49 4.89 -9.66 -22.25
C GLY A 49 3.50 -9.20 -21.86
N TYR A 50 2.65 -10.18 -21.61
CA TYR A 50 1.31 -9.93 -21.09
C TYR A 50 1.03 -10.87 -19.93
N ILE A 51 0.05 -10.49 -19.11
CA ILE A 51 -0.45 -11.32 -18.03
C ILE A 51 -1.97 -11.36 -18.12
N ASP A 52 -2.55 -12.52 -17.85
CA ASP A 52 -3.99 -12.70 -17.79
C ASP A 52 -4.43 -12.59 -16.34
N PRO A 53 -5.03 -11.46 -15.92
CA PRO A 53 -5.45 -11.34 -14.52
C PRO A 53 -6.43 -12.40 -14.06
N ALA A 54 -7.20 -12.99 -14.99
CA ALA A 54 -8.17 -14.00 -14.62
C ALA A 54 -7.49 -15.29 -14.15
N THR A 55 -6.35 -15.64 -14.76
CA THR A 55 -5.66 -16.88 -14.46
C THR A 55 -4.24 -16.69 -13.97
N ALA A 56 -3.75 -15.45 -13.90
CA ALA A 56 -2.37 -15.13 -13.55
C ALA A 56 -1.35 -15.73 -14.50
N TYR A 57 -1.80 -16.22 -15.66
CA TYR A 57 -0.87 -16.74 -16.66
C TYR A 57 -0.11 -15.61 -17.32
N THR A 58 1.19 -15.81 -17.52
CA THR A 58 2.05 -14.79 -18.11
C THR A 58 2.75 -15.38 -19.33
N GLU A 59 2.74 -14.63 -20.43
CA GLU A 59 3.55 -14.92 -21.61
C GLU A 59 4.60 -13.84 -21.74
N SER A 60 5.85 -14.24 -21.97
CA SER A 60 6.97 -13.31 -21.94
C SER A 60 7.79 -13.40 -23.22
N ASN A 61 8.23 -12.23 -23.71
CA ASN A 61 9.23 -12.19 -24.76
C ASN A 61 10.52 -12.84 -24.27
N GLN A 62 11.12 -13.65 -25.13
CA GLN A 62 12.37 -14.31 -24.77
C GLN A 62 13.44 -13.31 -24.38
N LYS A 63 13.44 -12.13 -25.02
CA LYS A 63 14.41 -11.10 -24.69
C LYS A 63 14.29 -10.59 -23.26
N PHE A 64 13.13 -10.82 -22.62
CA PHE A 64 12.88 -10.30 -21.27
C PHE A 64 12.55 -11.39 -20.27
N LYS A 65 12.84 -12.66 -20.59
CA LYS A 65 12.42 -13.74 -19.71
C LYS A 65 13.15 -13.74 -18.38
N ASP A 66 14.33 -13.13 -18.30
CA ASP A 66 15.06 -13.01 -17.04
C ASP A 66 15.10 -11.58 -16.53
N LYS A 67 14.53 -10.62 -17.26
CA LYS A 67 14.57 -9.21 -16.91
C LYS A 67 13.31 -8.73 -16.19
N ALA A 68 12.14 -9.21 -16.59
CA ALA A 68 10.88 -8.69 -16.10
C ALA A 68 10.00 -9.82 -15.56
N ILE A 69 9.25 -9.51 -14.51
CA ILE A 69 8.26 -10.41 -13.93
C ILE A 69 6.94 -9.66 -13.85
N LEU A 70 5.88 -10.22 -14.42
CA LEU A 70 4.58 -9.58 -14.50
C LEU A 70 3.63 -10.20 -13.48
N THR A 71 2.97 -9.36 -12.70
CA THR A 71 1.99 -9.79 -11.70
C THR A 71 0.73 -8.94 -11.83
N ALA A 72 -0.37 -9.47 -11.28
CA ALA A 72 -1.65 -8.78 -11.30
C ALA A 72 -2.39 -9.05 -10.01
N ASP A 73 -2.87 -7.99 -9.36
CA ASP A 73 -3.68 -8.09 -8.15
C ASP A 73 -5.14 -7.89 -8.53
N ARG A 74 -5.92 -8.98 -8.44
CA ARG A 74 -7.31 -8.95 -8.89
C ARG A 74 -8.14 -8.00 -8.04
N SER A 75 -7.88 -7.95 -6.73
CA SER A 75 -8.74 -7.17 -5.84
C SER A 75 -8.54 -5.68 -6.03
N SER A 76 -7.31 -5.25 -6.32
CA SER A 76 -6.99 -3.84 -6.42
C SER A 76 -7.01 -3.33 -7.86
N ASN A 77 -7.39 -4.16 -8.82
CA ASN A 77 -7.47 -3.76 -10.23
C ASN A 77 -6.14 -3.21 -10.73
N THR A 78 -5.04 -3.84 -10.32
CA THR A 78 -3.71 -3.31 -10.60
C THR A 78 -2.82 -4.39 -11.20
N ALA A 79 -2.04 -4.01 -12.21
CA ALA A 79 -1.00 -4.84 -12.79
C ALA A 79 0.36 -4.26 -12.42
N PHE A 80 1.33 -5.15 -12.24
CA PHE A 80 2.68 -4.74 -11.83
C PHE A 80 3.71 -5.35 -12.77
N MET A 81 4.87 -4.71 -12.84
CA MET A 81 6.02 -5.25 -13.56
C MET A 81 7.26 -5.01 -12.72
N TYR A 82 7.96 -6.09 -12.38
CA TYR A 82 9.20 -6.03 -11.62
C TYR A 82 10.38 -6.20 -12.57
N LEU A 83 11.30 -5.25 -12.55
CA LEU A 83 12.52 -5.32 -13.32
C LEU A 83 13.70 -5.59 -12.39
N ASN A 84 14.67 -6.36 -12.87
CA ASN A 84 15.83 -6.71 -12.07
C ASN A 84 17.10 -6.53 -12.90
N SER A 85 18.23 -6.42 -12.21
CA SER A 85 19.54 -6.27 -12.83
C SER A 85 19.55 -5.08 -13.79
N LEU A 86 19.15 -3.92 -13.27
CA LEU A 86 18.94 -2.75 -14.10
C LEU A 86 20.25 -2.22 -14.68
N THR A 87 20.16 -1.71 -15.90
CA THR A 87 21.31 -1.16 -16.62
C THR A 87 20.84 0.04 -17.42
N SER A 88 21.79 0.77 -18.01
CA SER A 88 21.45 1.92 -18.83
C SER A 88 20.61 1.52 -20.04
N GLU A 89 20.77 0.28 -20.50
CA GLU A 89 19.93 -0.24 -21.58
C GLU A 89 18.46 -0.32 -21.16
N ASP A 90 18.18 -0.35 -19.86
CA ASP A 90 16.82 -0.38 -19.36
C ASP A 90 16.19 0.99 -19.22
N SER A 91 16.97 2.06 -19.30
CA SER A 91 16.44 3.42 -19.28
C SER A 91 15.54 3.62 -20.49
N ALA A 92 14.24 3.77 -20.25
CA ALA A 92 13.26 3.85 -21.33
C ALA A 92 11.93 4.33 -20.77
N VAL A 93 10.93 4.38 -21.64
CA VAL A 93 9.55 4.61 -21.25
C VAL A 93 8.83 3.27 -21.31
N TYR A 94 8.15 2.90 -20.23
CA TYR A 94 7.45 1.63 -20.13
C TYR A 94 5.96 1.87 -20.12
N TYR A 95 5.24 1.18 -20.99
CA TYR A 95 3.80 1.30 -21.12
C TYR A 95 3.10 0.01 -20.72
N CYS A 96 1.92 0.15 -20.15
CA CYS A 96 0.97 -0.96 -20.03
C CYS A 96 -0.20 -0.69 -20.95
N ALA A 97 -0.79 -1.77 -21.47
CA ALA A 97 -1.85 -1.62 -22.45
C ALA A 97 -2.82 -2.79 -22.33
N ARG A 98 -4.09 -2.50 -22.59
CA ARG A 98 -5.16 -3.47 -22.47
C ARG A 98 -5.37 -4.19 -23.80
N GLU A 99 -5.48 -5.52 -23.74
CA GLU A 99 -5.81 -6.29 -24.93
C GLU A 99 -7.26 -6.06 -25.33
N SER A 100 -7.49 -5.78 -26.61
CA SER A 100 -8.83 -5.55 -27.10
C SER A 100 -9.64 -6.85 -27.06
N PRO A 101 -10.96 -6.76 -27.15
CA PRO A 101 -11.78 -7.98 -27.24
C PRO A 101 -11.33 -8.85 -28.40
N ARG A 102 -11.40 -10.16 -28.19
CA ARG A 102 -10.87 -11.11 -29.15
C ARG A 102 -11.73 -11.15 -30.41
N LEU A 103 -11.10 -11.59 -31.52
CA LEU A 103 -11.85 -11.90 -32.73
C LEU A 103 -12.86 -13.00 -32.45
N ARG A 104 -12.38 -14.17 -32.06
CA ARG A 104 -13.24 -15.25 -31.60
C ARG A 104 -12.48 -16.00 -30.50
N ARG A 105 -13.12 -17.04 -29.96
CA ARG A 105 -12.52 -17.83 -28.90
C ARG A 105 -11.21 -18.45 -29.39
N GLY A 106 -10.11 -18.13 -28.70
CA GLY A 106 -8.80 -18.61 -29.05
C GLY A 106 -8.05 -17.76 -30.06
N ILE A 107 -8.71 -16.80 -30.70
CA ILE A 107 -8.11 -15.96 -31.73
C ILE A 107 -8.13 -14.52 -31.23
N TYR A 108 -6.96 -13.98 -30.95
CA TYR A 108 -6.82 -12.62 -30.44
C TYR A 108 -6.15 -11.72 -31.47
N TYR A 109 -6.60 -10.46 -31.52
CA TYR A 109 -6.00 -9.50 -32.44
C TYR A 109 -4.60 -9.08 -32.02
N TYR A 110 -4.28 -9.20 -30.73
CA TYR A 110 -3.08 -8.60 -30.17
C TYR A 110 -3.03 -7.10 -30.46
N ALA A 111 -4.22 -6.49 -30.44
CA ALA A 111 -4.37 -5.05 -30.61
C ALA A 111 -4.58 -4.43 -29.23
N MET A 112 -3.66 -3.55 -28.83
CA MET A 112 -3.71 -2.91 -27.52
C MET A 112 -4.59 -1.67 -27.64
N ASP A 113 -5.84 -1.80 -27.18
CA ASP A 113 -6.86 -0.78 -27.47
C ASP A 113 -6.85 0.38 -26.49
N TYR A 114 -6.29 0.20 -25.29
CA TYR A 114 -6.23 1.29 -24.32
C TYR A 114 -4.87 1.25 -23.63
N TRP A 115 -4.23 2.42 -23.54
CA TRP A 115 -2.85 2.51 -23.12
C TRP A 115 -2.72 3.40 -21.87
N GLY A 116 -1.75 3.05 -21.03
CA GLY A 116 -1.39 3.92 -19.94
C GLY A 116 -0.50 5.06 -20.40
N GLN A 117 -0.40 6.10 -19.55
CA GLN A 117 0.34 7.29 -19.94
C GLN A 117 1.85 7.03 -20.02
N GLY A 118 2.34 5.94 -19.45
CA GLY A 118 3.74 5.60 -19.55
C GLY A 118 4.51 5.95 -18.29
N THR A 119 5.54 5.15 -18.02
CA THR A 119 6.42 5.35 -16.87
C THR A 119 7.85 5.41 -17.36
N THR A 120 8.50 6.55 -17.18
CA THR A 120 9.88 6.73 -17.60
C THR A 120 10.82 6.27 -16.49
N VAL A 121 11.77 5.42 -16.85
CA VAL A 121 12.77 4.91 -15.93
C VAL A 121 14.14 5.40 -16.38
N THR A 122 14.93 5.91 -15.44
CA THR A 122 16.28 6.38 -15.71
C THR A 122 17.24 5.61 -14.81
N VAL A 123 18.11 4.81 -15.42
CA VAL A 123 19.13 4.06 -14.70
C VAL A 123 20.42 4.86 -14.79
N SER A 124 20.90 5.36 -13.65
CA SER A 124 22.09 6.19 -13.61
C SER A 124 22.90 5.86 -12.38
N SER A 125 24.22 5.90 -12.53
CA SER A 125 25.14 5.62 -11.43
C SER A 125 25.10 6.73 -10.38
N ASP B 147 11.38 -14.04 -35.36
CA ASP B 147 10.57 -12.88 -35.03
C ASP B 147 10.23 -12.05 -36.28
N ILE B 148 8.93 -11.85 -36.49
CA ILE B 148 8.47 -11.06 -37.64
C ILE B 148 8.91 -9.62 -37.47
N GLN B 149 9.59 -9.08 -38.48
CA GLN B 149 10.12 -7.72 -38.44
C GLN B 149 9.24 -6.81 -39.29
N MET B 150 8.91 -5.65 -38.73
CA MET B 150 8.04 -4.67 -39.39
C MET B 150 8.85 -3.47 -39.81
N THR B 151 8.71 -3.07 -41.08
CA THR B 151 9.41 -1.92 -41.63
C THR B 151 8.39 -0.93 -42.17
N GLN B 152 8.47 0.31 -41.73
CA GLN B 152 7.57 1.38 -42.15
C GLN B 152 8.29 2.35 -43.07
N THR B 153 7.57 2.84 -44.07
CA THR B 153 8.08 3.83 -45.01
C THR B 153 6.99 4.86 -45.27
N PRO B 154 7.33 6.15 -45.31
CA PRO B 154 8.67 6.66 -45.04
C PRO B 154 8.91 6.84 -43.54
N SER B 155 10.15 7.15 -43.15
CA SER B 155 10.42 7.39 -41.73
CA SER B 155 10.43 7.40 -41.74
C SER B 155 9.77 8.68 -41.26
N SER B 156 9.58 9.66 -42.16
CA SER B 156 8.92 10.90 -41.82
C SER B 156 8.17 11.40 -43.05
N LEU B 157 7.01 11.99 -42.84
CA LEU B 157 6.19 12.52 -43.91
C LEU B 157 5.67 13.89 -43.50
N SER B 158 5.94 14.90 -44.33
CA SER B 158 5.45 16.25 -44.09
C SER B 158 4.30 16.54 -45.05
N ALA B 159 3.16 16.95 -44.49
CA ALA B 159 1.97 17.24 -45.27
C ALA B 159 1.34 18.52 -44.74
N SER B 160 0.23 18.92 -45.36
CA SER B 160 -0.45 20.15 -45.00
C SER B 160 -1.87 19.83 -44.55
N LEU B 161 -2.48 20.78 -43.86
CA LEU B 161 -3.84 20.61 -43.37
C LEU B 161 -4.80 20.39 -44.54
N GLY B 162 -5.63 19.36 -44.43
CA GLY B 162 -6.58 19.01 -45.46
C GLY B 162 -6.09 17.99 -46.46
N ASP B 163 -4.81 17.65 -46.45
CA ASP B 163 -4.27 16.72 -47.43
C ASP B 163 -4.74 15.29 -47.16
N ARG B 164 -4.65 14.47 -48.19
CA ARG B 164 -4.87 13.02 -48.10
C ARG B 164 -3.52 12.34 -48.07
N VAL B 165 -3.27 11.55 -47.02
CA VAL B 165 -1.95 11.02 -46.72
C VAL B 165 -2.04 9.51 -46.50
N THR B 166 -1.07 8.77 -47.04
CA THR B 166 -0.99 7.33 -46.89
C THR B 166 0.43 6.94 -46.52
N ILE B 167 0.55 6.05 -45.53
CA ILE B 167 1.85 5.55 -45.08
C ILE B 167 1.87 4.03 -45.20
N SER B 168 3.07 3.48 -45.37
CA SER B 168 3.24 2.08 -45.71
C SER B 168 3.90 1.30 -44.58
N CYS B 169 3.59 0.01 -44.52
CA CYS B 169 4.11 -0.89 -43.50
C CYS B 169 4.31 -2.27 -44.13
N ARG B 170 5.51 -2.82 -43.99
CA ARG B 170 5.85 -4.12 -44.57
C ARG B 170 6.23 -5.09 -43.45
N ALA B 171 5.66 -6.28 -43.48
CA ALA B 171 5.97 -7.33 -42.52
C ALA B 171 6.95 -8.32 -43.14
N SER B 172 7.79 -8.92 -42.29
CA SER B 172 8.75 -9.90 -42.77
C SER B 172 8.07 -11.09 -43.43
N GLN B 173 6.90 -11.49 -42.91
CA GLN B 173 6.20 -12.65 -43.41
C GLN B 173 4.71 -12.32 -43.52
N ASP B 174 3.95 -13.23 -44.12
CA ASP B 174 2.51 -13.10 -44.22
C ASP B 174 1.89 -13.12 -42.82
N ILE B 175 1.31 -12.00 -42.39
CA ILE B 175 0.73 -11.90 -41.07
C ILE B 175 -0.79 -12.08 -41.10
N SER B 176 -1.36 -12.40 -42.26
CA SER B 176 -2.77 -12.78 -42.39
C SER B 176 -3.70 -11.72 -41.79
N ASN B 177 -3.45 -10.46 -42.15
CA ASN B 177 -4.24 -9.29 -41.82
C ASN B 177 -4.20 -8.91 -40.34
N TYR B 178 -3.43 -9.60 -39.51
CA TYR B 178 -3.28 -9.22 -38.10
C TYR B 178 -2.26 -8.07 -38.03
N LEU B 179 -2.72 -6.90 -38.46
CA LEU B 179 -1.90 -5.70 -38.54
C LEU B 179 -2.65 -4.56 -37.87
N ASN B 180 -2.03 -3.94 -36.87
CA ASN B 180 -2.66 -2.90 -36.07
C ASN B 180 -1.91 -1.60 -36.24
N TRP B 181 -2.64 -0.48 -36.14
CA TRP B 181 -2.08 0.86 -36.29
C TRP B 181 -2.28 1.66 -35.01
N TYR B 182 -1.25 2.41 -34.64
CA TYR B 182 -1.26 3.21 -33.42
C TYR B 182 -0.77 4.62 -33.71
N GLN B 183 -1.26 5.57 -32.92
CA GLN B 183 -0.85 6.96 -33.00
C GLN B 183 -0.24 7.37 -31.67
N GLN B 184 0.87 8.09 -31.72
CA GLN B 184 1.56 8.54 -30.51
C GLN B 184 1.83 10.04 -30.61
N LYS B 185 1.32 10.78 -29.64
CA LYS B 185 1.48 12.23 -29.59
C LYS B 185 2.81 12.60 -28.95
N PRO B 186 3.25 13.85 -29.06
CA PRO B 186 4.51 14.25 -28.42
C PRO B 186 4.53 14.06 -26.91
N ASP B 187 3.40 14.22 -26.22
CA ASP B 187 3.42 14.06 -24.77
C ASP B 187 3.57 12.61 -24.34
N GLY B 188 3.56 11.66 -25.27
CA GLY B 188 3.75 10.26 -24.95
C GLY B 188 2.50 9.41 -24.97
N THR B 189 1.33 10.00 -25.17
CA THR B 189 0.10 9.22 -25.17
C THR B 189 0.01 8.38 -26.44
N VAL B 190 -0.56 7.18 -26.29
CA VAL B 190 -0.71 6.24 -27.39
C VAL B 190 -2.18 5.83 -27.48
N LYS B 191 -2.69 5.71 -28.71
CA LYS B 191 -4.06 5.31 -28.94
C LYS B 191 -4.12 4.34 -30.11
N LEU B 192 -5.01 3.37 -30.02
CA LEU B 192 -5.24 2.44 -31.12
C LEU B 192 -6.16 3.08 -32.14
N LEU B 193 -5.74 3.06 -33.41
CA LEU B 193 -6.56 3.58 -34.49
C LEU B 193 -7.24 2.45 -35.27
N ILE B 194 -6.45 1.58 -35.89
CA ILE B 194 -6.94 0.51 -36.74
C ILE B 194 -6.45 -0.81 -36.18
N TYR B 195 -7.34 -1.80 -36.14
CA TYR B 195 -6.98 -3.16 -35.79
C TYR B 195 -7.48 -4.08 -36.89
N TYR B 196 -6.74 -5.17 -37.12
CA TYR B 196 -7.09 -6.17 -38.14
C TYR B 196 -7.21 -5.52 -39.52
N THR B 197 -6.17 -4.76 -39.88
CA THR B 197 -5.98 -4.16 -41.20
C THR B 197 -6.91 -2.96 -41.46
N SER B 198 -8.22 -3.12 -41.23
CA SER B 198 -9.15 -2.08 -41.68
C SER B 198 -10.28 -1.77 -40.70
N ARG B 199 -10.24 -2.26 -39.47
CA ARG B 199 -11.33 -2.06 -38.52
C ARG B 199 -11.03 -0.87 -37.62
N LEU B 200 -11.95 0.09 -37.60
CA LEU B 200 -11.78 1.31 -36.82
C LEU B 200 -12.01 1.04 -35.34
N HIS B 201 -11.10 1.54 -34.50
CA HIS B 201 -11.29 1.49 -33.06
C HIS B 201 -12.36 2.49 -32.63
N SER B 202 -12.94 2.24 -31.46
CA SER B 202 -13.99 3.11 -30.92
C SER B 202 -13.51 4.55 -30.82
N GLY B 203 -14.33 5.47 -31.32
CA GLY B 203 -14.05 6.89 -31.22
C GLY B 203 -13.09 7.45 -32.24
N VAL B 204 -12.48 6.62 -33.07
CA VAL B 204 -11.52 7.11 -34.06
C VAL B 204 -12.29 7.68 -35.26
N PRO B 205 -11.95 8.87 -35.73
CA PRO B 205 -12.69 9.45 -36.85
C PRO B 205 -12.56 8.62 -38.12
N SER B 206 -13.64 8.58 -38.90
CA SER B 206 -13.69 7.79 -40.12
C SER B 206 -12.80 8.31 -41.24
N ARG B 207 -12.05 9.38 -41.00
CA ARG B 207 -11.03 9.80 -41.95
C ARG B 207 -9.79 8.91 -41.91
N PHE B 208 -9.65 8.09 -40.87
CA PHE B 208 -8.60 7.09 -40.79
C PHE B 208 -9.07 5.80 -41.43
N SER B 209 -8.28 5.27 -42.36
CA SER B 209 -8.65 4.06 -43.08
C SER B 209 -7.41 3.19 -43.25
N GLY B 210 -7.63 1.90 -43.35
CA GLY B 210 -6.54 0.96 -43.51
C GLY B 210 -6.87 -0.11 -44.54
N SER B 211 -5.82 -0.63 -45.16
CA SER B 211 -5.98 -1.67 -46.18
C SER B 211 -4.68 -2.45 -46.29
N GLY B 212 -4.78 -3.61 -46.95
CA GLY B 212 -3.61 -4.42 -47.19
C GLY B 212 -3.85 -5.91 -46.98
N SER B 213 -2.86 -6.72 -47.35
CA SER B 213 -2.94 -8.16 -47.17
C SER B 213 -1.52 -8.72 -47.23
N GLY B 214 -1.39 -9.97 -46.80
CA GLY B 214 -0.10 -10.63 -46.82
C GLY B 214 0.96 -9.92 -46.00
N THR B 215 1.94 -9.33 -46.68
CA THR B 215 3.03 -8.62 -46.03
C THR B 215 2.95 -7.12 -46.18
N ASP B 216 1.95 -6.60 -46.92
CA ASP B 216 1.92 -5.20 -47.32
C ASP B 216 0.61 -4.57 -46.86
N TYR B 217 0.72 -3.49 -46.10
CA TYR B 217 -0.44 -2.81 -45.54
C TYR B 217 -0.20 -1.31 -45.57
N SER B 218 -1.27 -0.54 -45.45
CA SER B 218 -1.18 0.91 -45.52
C SER B 218 -2.24 1.55 -44.63
N LEU B 219 -1.91 2.72 -44.10
CA LEU B 219 -2.83 3.55 -43.33
C LEU B 219 -3.06 4.84 -44.09
N THR B 220 -4.33 5.21 -44.27
CA THR B 220 -4.70 6.37 -45.06
C THR B 220 -5.44 7.38 -44.18
N ILE B 221 -4.99 8.63 -44.20
CA ILE B 221 -5.67 9.73 -43.55
C ILE B 221 -6.13 10.71 -44.63
N SER B 222 -7.43 10.91 -44.72
CA SER B 222 -8.00 11.96 -45.55
C SER B 222 -8.43 13.13 -44.67
N ASN B 223 -8.37 14.34 -45.23
CA ASN B 223 -8.69 15.57 -44.51
C ASN B 223 -7.86 15.67 -43.23
N LEU B 224 -6.56 15.91 -43.44
CA LEU B 224 -5.63 15.96 -42.33
C LEU B 224 -5.97 17.09 -41.38
N GLU B 225 -6.18 16.74 -40.12
CA GLU B 225 -6.42 17.70 -39.07
C GLU B 225 -5.15 17.88 -38.27
N GLN B 226 -5.13 18.95 -37.49
CA GLN B 226 -3.94 19.26 -36.70
C GLN B 226 -3.76 18.26 -35.55
N GLU B 227 -4.85 17.63 -35.12
CA GLU B 227 -4.75 16.58 -34.11
C GLU B 227 -4.17 15.28 -34.67
N ASP B 228 -3.83 15.25 -35.96
CA ASP B 228 -3.23 14.08 -36.57
C ASP B 228 -1.70 14.14 -36.63
N ILE B 229 -1.11 15.30 -36.34
CA ILE B 229 0.34 15.45 -36.33
C ILE B 229 0.91 14.61 -35.20
N ALA B 230 1.48 13.46 -35.53
CA ALA B 230 1.99 12.51 -34.54
C ALA B 230 2.82 11.46 -35.27
N THR B 231 3.30 10.48 -34.50
CA THR B 231 4.01 9.33 -35.03
C THR B 231 3.07 8.14 -35.07
N TYR B 232 3.11 7.40 -36.18
CA TYR B 232 2.18 6.30 -36.42
C TYR B 232 2.97 5.00 -36.51
N PHE B 233 2.59 4.03 -35.68
CA PHE B 233 3.24 2.72 -35.64
C PHE B 233 2.30 1.65 -36.17
N CYS B 234 2.83 0.72 -36.94
CA CYS B 234 2.14 -0.51 -37.26
C CYS B 234 2.71 -1.64 -36.42
N GLN B 235 1.89 -2.68 -36.21
CA GLN B 235 2.29 -3.80 -35.37
C GLN B 235 1.54 -5.04 -35.82
N GLN B 236 2.27 -6.13 -35.98
CA GLN B 236 1.67 -7.41 -36.35
C GLN B 236 1.23 -8.16 -35.11
N GLY B 237 0.07 -8.81 -35.21
CA GLY B 237 -0.45 -9.61 -34.11
C GLY B 237 -0.70 -11.04 -34.53
N ASN B 238 0.14 -11.55 -35.42
CA ASN B 238 -0.05 -12.88 -35.98
C ASN B 238 0.72 -13.96 -35.21
N THR B 239 1.94 -13.66 -34.78
CA THR B 239 2.75 -14.61 -34.02
C THR B 239 3.37 -13.91 -32.83
N LEU B 240 3.54 -14.68 -31.75
CA LEU B 240 4.33 -14.21 -30.62
C LEU B 240 5.81 -14.19 -31.00
N PRO B 241 6.53 -13.12 -30.67
CA PRO B 241 6.03 -11.93 -29.96
C PRO B 241 5.50 -10.86 -30.89
N PRO B 242 4.55 -10.05 -30.41
CA PRO B 242 4.13 -8.87 -31.18
C PRO B 242 5.30 -7.92 -31.41
N THR B 243 5.45 -7.47 -32.65
CA THR B 243 6.54 -6.59 -33.02
C THR B 243 5.99 -5.34 -33.68
N PHE B 244 6.69 -4.23 -33.49
CA PHE B 244 6.27 -2.92 -33.94
C PHE B 244 7.24 -2.38 -34.98
N GLY B 245 6.75 -1.48 -35.83
CA GLY B 245 7.61 -0.79 -36.76
C GLY B 245 8.34 0.36 -36.12
N ALA B 246 9.29 0.93 -36.87
CA ALA B 246 10.07 2.05 -36.36
C ALA B 246 9.26 3.35 -36.33
N GLY B 247 8.11 3.39 -36.97
CA GLY B 247 7.25 4.56 -36.89
C GLY B 247 7.46 5.54 -38.01
N THR B 248 6.40 6.29 -38.32
CA THR B 248 6.44 7.35 -39.32
C THR B 248 5.96 8.63 -38.66
N LYS B 249 6.85 9.63 -38.56
CA LYS B 249 6.49 10.91 -37.96
C LYS B 249 5.81 11.77 -39.01
N LEU B 250 4.52 12.04 -38.82
CA LEU B 250 3.73 12.85 -39.74
C LEU B 250 3.74 14.29 -39.26
N GLU B 251 4.45 15.16 -39.98
CA GLU B 251 4.63 16.55 -39.58
C GLU B 251 3.90 17.48 -40.53
N LEU B 252 3.79 18.73 -40.12
CA LEU B 252 3.22 19.78 -40.95
C LEU B 252 4.30 20.42 -41.83
N GLN C 1 -7.32 -28.33 10.36
CA GLN C 1 -5.89 -28.33 10.67
C GLN C 1 -5.13 -27.46 9.67
N VAL C 2 -4.39 -26.48 10.20
CA VAL C 2 -3.67 -25.54 9.36
C VAL C 2 -2.49 -26.24 8.70
N GLN C 3 -2.35 -26.06 7.38
CA GLN C 3 -1.29 -26.69 6.62
C GLN C 3 -0.77 -25.74 5.56
N LEU C 4 0.55 -25.62 5.47
CA LEU C 4 1.21 -24.89 4.40
C LEU C 4 1.91 -25.91 3.52
N GLN C 5 1.52 -25.98 2.25
CA GLN C 5 2.05 -26.97 1.31
C GLN C 5 2.79 -26.22 0.20
N GLN C 6 4.10 -26.43 0.14
CA GLN C 6 4.95 -25.75 -0.82
C GLN C 6 5.16 -26.61 -2.06
N SER C 7 5.49 -25.95 -3.17
CA SER C 7 5.68 -26.63 -4.43
C SER C 7 6.94 -27.51 -4.40
N GLY C 8 7.03 -28.40 -5.38
CA GLY C 8 8.11 -29.38 -5.41
C GLY C 8 9.47 -28.75 -5.70
N ALA C 9 10.49 -29.59 -5.58
CA ALA C 9 11.86 -29.16 -5.82
C ALA C 9 12.03 -28.71 -7.27
N GLU C 10 12.99 -27.82 -7.48
CA GLU C 10 13.21 -27.25 -8.81
C GLU C 10 14.69 -27.00 -9.03
N LEU C 11 15.19 -27.47 -10.17
CA LEU C 11 16.55 -27.18 -10.63
C LEU C 11 16.50 -26.04 -11.63
N ALA C 12 17.41 -25.09 -11.48
CA ALA C 12 17.40 -23.90 -12.32
C ALA C 12 18.82 -23.53 -12.72
N LYS C 13 18.91 -22.77 -13.82
CA LYS C 13 20.10 -22.27 -14.49
C LYS C 13 20.53 -20.93 -13.91
N PRO C 14 21.83 -20.65 -13.90
CA PRO C 14 22.30 -19.34 -13.45
C PRO C 14 21.74 -18.22 -14.30
N GLY C 15 21.36 -17.12 -13.64
CA GLY C 15 20.76 -15.98 -14.30
C GLY C 15 19.27 -16.09 -14.54
N ALA C 16 18.69 -17.27 -14.39
CA ALA C 16 17.27 -17.45 -14.64
C ALA C 16 16.45 -16.94 -13.46
N SER C 17 15.13 -16.90 -13.65
CA SER C 17 14.18 -16.57 -12.61
C SER C 17 13.28 -17.75 -12.35
N MET C 18 12.79 -17.86 -11.11
CA MET C 18 11.92 -18.96 -10.73
C MET C 18 10.84 -18.45 -9.78
N LYS C 19 9.81 -19.28 -9.60
CA LYS C 19 8.68 -18.95 -8.75
C LYS C 19 8.21 -20.21 -8.04
N MET C 20 8.14 -20.12 -6.71
CA MET C 20 7.65 -21.22 -5.88
C MET C 20 6.37 -20.77 -5.17
N SER C 21 5.54 -21.74 -4.82
CA SER C 21 4.22 -21.47 -4.27
C SER C 21 4.09 -22.03 -2.85
N CYS C 22 3.13 -21.49 -2.11
CA CYS C 22 2.83 -21.91 -0.75
C CYS C 22 1.31 -21.83 -0.59
N ARG C 23 0.64 -22.97 -0.69
CA ARG C 23 -0.82 -23.03 -0.64
C ARG C 23 -1.26 -23.25 0.80
N ALA C 24 -1.92 -22.25 1.38
CA ALA C 24 -2.39 -22.33 2.76
C ALA C 24 -3.71 -23.08 2.83
N SER C 25 -3.90 -23.82 3.91
CA SER C 25 -5.10 -24.63 4.11
C SER C 25 -5.47 -24.65 5.59
N GLY C 26 -6.76 -24.82 5.86
CA GLY C 26 -7.24 -25.01 7.21
C GLY C 26 -7.51 -23.76 8.00
N TYR C 27 -7.57 -22.59 7.37
CA TYR C 27 -7.85 -21.34 8.07
C TYR C 27 -8.17 -20.27 7.04
N SER C 28 -8.57 -19.10 7.54
CA SER C 28 -8.85 -17.96 6.68
C SER C 28 -7.54 -17.38 6.18
N PHE C 29 -7.31 -17.47 4.87
CA PHE C 29 -5.97 -17.22 4.32
C PHE C 29 -5.54 -15.77 4.51
N THR C 30 -6.46 -14.82 4.32
CA THR C 30 -6.10 -13.41 4.34
C THR C 30 -5.94 -12.84 5.74
N SER C 31 -6.16 -13.63 6.79
CA SER C 31 -6.11 -13.13 8.15
C SER C 31 -4.74 -13.25 8.79
N TYR C 32 -3.77 -13.88 8.13
CA TYR C 32 -2.45 -14.12 8.71
C TYR C 32 -1.37 -13.78 7.70
N TRP C 33 -0.31 -13.13 8.18
CA TRP C 33 0.87 -12.91 7.35
C TRP C 33 1.50 -14.24 6.97
N ILE C 34 2.34 -14.21 5.94
CA ILE C 34 3.09 -15.38 5.50
C ILE C 34 4.55 -14.97 5.33
N HIS C 35 5.44 -15.61 6.06
CA HIS C 35 6.86 -15.34 5.98
C HIS C 35 7.53 -16.28 5.00
N TRP C 36 8.68 -15.85 4.47
CA TRP C 36 9.51 -16.67 3.60
C TRP C 36 10.93 -16.67 4.15
N LEU C 37 11.52 -17.86 4.25
CA LEU C 37 12.82 -18.03 4.88
C LEU C 37 13.72 -18.90 4.01
N LYS C 38 15.02 -18.72 4.17
CA LYS C 38 16.03 -19.44 3.41
C LYS C 38 16.98 -20.15 4.37
N GLN C 39 17.29 -21.41 4.09
CA GLN C 39 18.19 -22.20 4.92
C GLN C 39 19.18 -22.94 4.03
N ARG C 40 20.44 -22.55 4.08
CA ARG C 40 21.51 -23.30 3.45
C ARG C 40 21.91 -24.47 4.34
N PRO C 41 22.58 -25.48 3.79
CA PRO C 41 22.90 -26.68 4.58
C PRO C 41 23.70 -26.37 5.82
N ASP C 42 23.28 -26.94 6.95
CA ASP C 42 23.92 -26.80 8.25
C ASP C 42 24.17 -25.32 8.59
N GLN C 43 23.12 -24.52 8.44
CA GLN C 43 23.19 -23.10 8.77
C GLN C 43 21.86 -22.65 9.35
N GLY C 44 21.90 -21.52 10.04
CA GLY C 44 20.68 -20.95 10.58
C GLY C 44 19.75 -20.45 9.49
N LEU C 45 18.48 -20.30 9.85
CA LEU C 45 17.49 -19.79 8.92
C LEU C 45 17.70 -18.30 8.68
N GLU C 46 17.32 -17.84 7.50
CA GLU C 46 17.47 -16.45 7.11
C GLU C 46 16.13 -15.92 6.64
N TRP C 47 15.70 -14.80 7.24
CA TRP C 47 14.42 -14.21 6.90
C TRP C 47 14.55 -13.37 5.64
N ILE C 48 13.66 -13.60 4.68
CA ILE C 48 13.66 -12.87 3.43
C ILE C 48 12.58 -11.79 3.40
N GLY C 49 11.41 -12.10 3.94
CA GLY C 49 10.33 -11.14 3.97
C GLY C 49 9.02 -11.82 4.32
N TYR C 50 7.98 -11.00 4.43
CA TYR C 50 6.63 -11.50 4.64
C TYR C 50 5.66 -10.68 3.82
N ILE C 51 4.48 -11.24 3.58
CA ILE C 51 3.43 -10.59 2.83
C ILE C 51 2.13 -10.67 3.61
N ASP C 52 1.38 -9.57 3.61
CA ASP C 52 0.02 -9.52 4.14
C ASP C 52 -0.95 -9.80 3.00
N PRO C 53 -1.51 -11.01 2.92
CA PRO C 53 -2.37 -11.36 1.77
C PRO C 53 -3.62 -10.52 1.66
N ALA C 54 -4.11 -9.94 2.76
CA ALA C 54 -5.32 -9.12 2.68
C ALA C 54 -5.08 -7.83 1.94
N THR C 55 -3.89 -7.24 2.06
CA THR C 55 -3.59 -5.95 1.46
C THR C 55 -2.49 -6.00 0.41
N ALA C 56 -1.88 -7.16 0.18
CA ALA C 56 -0.74 -7.35 -0.71
C ALA C 56 0.50 -6.58 -0.25
N TYR C 57 0.45 -5.99 0.94
CA TYR C 57 1.61 -5.28 1.48
C TYR C 57 2.68 -6.28 1.93
N THR C 58 3.93 -6.00 1.57
CA THR C 58 5.05 -6.89 1.88
C THR C 58 6.16 -6.10 2.55
N GLU C 59 6.75 -6.68 3.59
CA GLU C 59 7.99 -6.21 4.18
C GLU C 59 9.09 -7.19 3.78
N SER C 60 10.21 -6.66 3.33
CA SER C 60 11.29 -7.47 2.77
CA SER C 60 11.29 -7.47 2.77
C SER C 60 12.59 -7.21 3.52
N ASN C 61 13.38 -8.27 3.69
CA ASN C 61 14.73 -8.13 4.23
C ASN C 61 15.59 -7.37 3.21
N GLN C 62 16.36 -6.40 3.70
CA GLN C 62 17.13 -5.56 2.79
C GLN C 62 18.20 -6.34 2.04
N LYS C 63 18.60 -7.51 2.54
CA LYS C 63 19.59 -8.32 1.84
C LYS C 63 19.02 -8.95 0.57
N PHE C 64 17.69 -9.08 0.47
CA PHE C 64 17.04 -9.75 -0.66
C PHE C 64 16.17 -8.78 -1.45
N LYS C 65 16.50 -7.49 -1.44
CA LYS C 65 15.70 -6.51 -2.17
C LYS C 65 15.71 -6.78 -3.66
N ASP C 66 16.89 -7.08 -4.22
CA ASP C 66 17.04 -7.30 -5.66
C ASP C 66 16.93 -8.76 -6.05
N LYS C 67 16.53 -9.62 -5.12
CA LYS C 67 16.49 -11.06 -5.34
C LYS C 67 15.09 -11.66 -5.23
N ALA C 68 14.27 -11.16 -4.31
CA ALA C 68 13.00 -11.79 -3.97
C ALA C 68 11.83 -10.87 -4.26
N ILE C 69 10.72 -11.48 -4.71
CA ILE C 69 9.45 -10.79 -4.91
C ILE C 69 8.36 -11.67 -4.31
N LEU C 70 7.57 -11.11 -3.40
CA LEU C 70 6.52 -11.85 -2.71
C LEU C 70 5.16 -11.38 -3.21
N THR C 71 4.31 -12.34 -3.60
CA THR C 71 2.94 -12.06 -4.00
C THR C 71 2.02 -13.06 -3.34
N ALA C 72 0.72 -12.78 -3.41
CA ALA C 72 -0.29 -13.67 -2.85
C ALA C 72 -1.54 -13.60 -3.72
N ASP C 73 -2.21 -14.74 -3.86
CA ASP C 73 -3.45 -14.86 -4.62
C ASP C 73 -4.54 -15.34 -3.68
N ARG C 74 -5.46 -14.45 -3.32
CA ARG C 74 -6.50 -14.80 -2.35
C ARG C 74 -7.55 -15.72 -2.95
N SER C 75 -7.65 -15.80 -4.28
CA SER C 75 -8.64 -16.66 -4.90
C SER C 75 -8.34 -18.14 -4.65
N SER C 76 -7.08 -18.51 -4.52
CA SER C 76 -6.69 -19.90 -4.35
C SER C 76 -5.88 -20.14 -3.07
N ASN C 77 -5.85 -19.17 -2.16
CA ASN C 77 -5.19 -19.31 -0.86
C ASN C 77 -3.73 -19.71 -1.01
N THR C 78 -3.03 -19.05 -1.95
CA THR C 78 -1.65 -19.40 -2.28
C THR C 78 -0.79 -18.16 -2.25
N ALA C 79 0.36 -18.26 -1.58
CA ALA C 79 1.40 -17.25 -1.63
C ALA C 79 2.53 -17.71 -2.54
N PHE C 80 3.13 -16.76 -3.25
CA PHE C 80 4.19 -17.07 -4.19
C PHE C 80 5.45 -16.30 -3.82
N MET C 81 6.59 -16.84 -4.24
CA MET C 81 7.87 -16.17 -4.08
C MET C 81 8.68 -16.29 -5.36
N TYR C 82 9.11 -15.15 -5.89
CA TYR C 82 9.93 -15.11 -7.09
C TYR C 82 11.39 -14.88 -6.71
N LEU C 83 12.28 -15.60 -7.37
CA LEU C 83 13.72 -15.39 -7.26
C LEU C 83 14.27 -15.09 -8.64
N ASN C 84 15.11 -14.06 -8.73
CA ASN C 84 15.68 -13.63 -10.00
C ASN C 84 17.20 -13.62 -9.92
N SER C 85 17.83 -13.59 -11.09
CA SER C 85 19.29 -13.55 -11.21
C SER C 85 19.92 -14.67 -10.39
N LEU C 86 19.39 -15.88 -10.55
CA LEU C 86 19.79 -17.01 -9.72
C LEU C 86 21.28 -17.31 -9.87
N THR C 87 21.96 -17.38 -8.74
CA THR C 87 23.36 -17.77 -8.67
C THR C 87 23.49 -19.02 -7.81
N SER C 88 24.73 -19.52 -7.69
CA SER C 88 24.95 -20.73 -6.89
C SER C 88 24.61 -20.51 -5.42
N GLU C 89 24.79 -19.30 -4.92
CA GLU C 89 24.48 -19.01 -3.52
C GLU C 89 22.97 -19.02 -3.24
N ASP C 90 22.13 -19.05 -4.26
CA ASP C 90 20.70 -19.16 -4.06
C ASP C 90 20.23 -20.59 -3.85
N SER C 91 21.10 -21.57 -4.10
CA SER C 91 20.77 -22.97 -3.85
C SER C 91 20.62 -23.19 -2.35
N ALA C 92 19.41 -23.46 -1.91
CA ALA C 92 19.11 -23.65 -0.48
C ALA C 92 17.71 -24.24 -0.36
N VAL C 93 17.23 -24.37 0.87
CA VAL C 93 15.87 -24.78 1.16
C VAL C 93 15.08 -23.56 1.60
N TYR C 94 13.94 -23.33 0.96
CA TYR C 94 13.11 -22.16 1.23
C TYR C 94 11.81 -22.59 1.90
N TYR C 95 11.45 -21.88 2.96
CA TYR C 95 10.27 -22.19 3.75
C TYR C 95 9.25 -21.07 3.67
N CYS C 96 7.98 -21.44 3.75
CA CYS C 96 6.92 -20.49 4.05
C CYS C 96 6.33 -20.83 5.41
N ALA C 97 6.11 -19.80 6.22
CA ALA C 97 5.64 -20.00 7.58
C ALA C 97 4.61 -18.92 7.93
N ARG C 98 3.57 -19.32 8.65
CA ARG C 98 2.49 -18.42 9.01
C ARG C 98 2.81 -17.64 10.28
N GLU C 99 2.48 -16.35 10.26
CA GLU C 99 2.60 -15.54 11.47
C GLU C 99 1.57 -15.98 12.50
N SER C 100 2.02 -16.10 13.75
CA SER C 100 1.14 -16.51 14.83
C SER C 100 0.11 -15.41 15.11
N PRO C 101 -1.01 -15.77 15.75
CA PRO C 101 -2.05 -14.77 16.00
C PRO C 101 -1.59 -13.67 16.95
N ARG C 102 -2.10 -12.46 16.70
CA ARG C 102 -1.90 -11.35 17.63
C ARG C 102 -2.72 -11.58 18.89
N LEU C 103 -2.05 -11.54 20.04
CA LEU C 103 -2.70 -11.79 21.31
C LEU C 103 -3.02 -10.52 22.09
N ARG C 104 -2.21 -9.47 21.93
CA ARG C 104 -2.46 -8.17 22.54
C ARG C 104 -2.40 -7.11 21.45
N ARG C 105 -3.02 -5.96 21.72
CA ARG C 105 -3.23 -4.92 20.72
C ARG C 105 -1.95 -4.51 19.99
N GLY C 106 -1.03 -3.85 20.69
CA GLY C 106 0.16 -3.34 20.03
C GLY C 106 1.39 -4.21 20.17
N ILE C 107 1.21 -5.53 20.21
CA ILE C 107 2.29 -6.47 20.46
C ILE C 107 2.42 -7.39 19.26
N TYR C 108 3.65 -7.55 18.76
CA TYR C 108 3.96 -8.41 17.62
C TYR C 108 5.17 -9.27 17.98
N TYR C 109 4.93 -10.56 18.21
CA TYR C 109 6.01 -11.47 18.56
C TYR C 109 6.85 -11.89 17.37
N TYR C 110 6.30 -11.83 16.15
CA TYR C 110 6.93 -12.39 14.95
C TYR C 110 7.24 -13.87 15.14
N ALA C 111 6.32 -14.58 15.80
CA ALA C 111 6.43 -16.02 15.95
C ALA C 111 5.76 -16.70 14.76
N MET C 112 6.41 -17.72 14.23
CA MET C 112 5.93 -18.45 13.05
C MET C 112 5.42 -19.80 13.54
N ASP C 113 4.09 -19.95 13.60
CA ASP C 113 3.48 -21.06 14.31
C ASP C 113 3.21 -22.28 13.43
N TYR C 114 3.19 -22.12 12.10
CA TYR C 114 2.97 -23.26 11.22
C TYR C 114 3.80 -23.08 9.95
N TRP C 115 4.51 -24.13 9.58
CA TRP C 115 5.50 -24.07 8.51
C TRP C 115 5.16 -25.04 7.39
N GLY C 116 5.58 -24.68 6.19
CA GLY C 116 5.56 -25.62 5.09
C GLY C 116 6.72 -26.60 5.17
N GLN C 117 6.64 -27.65 4.36
CA GLN C 117 7.69 -28.66 4.37
C GLN C 117 8.97 -28.19 3.69
N GLY C 118 8.95 -27.02 3.04
CA GLY C 118 10.13 -26.48 2.40
C GLY C 118 10.23 -26.86 0.93
N THR C 119 10.96 -26.02 0.19
CA THR C 119 11.20 -26.24 -1.23
C THR C 119 12.69 -26.11 -1.48
N THR C 120 13.29 -27.16 -2.04
CA THR C 120 14.71 -27.17 -2.35
C THR C 120 14.92 -26.66 -3.78
N VAL C 121 15.73 -25.63 -3.93
CA VAL C 121 16.12 -25.13 -5.24
C VAL C 121 17.61 -25.42 -5.43
N THR C 122 17.97 -25.75 -6.67
CA THR C 122 19.36 -26.05 -7.01
C THR C 122 19.72 -25.26 -8.26
N VAL C 123 20.79 -24.49 -8.17
CA VAL C 123 21.28 -23.69 -9.30
C VAL C 123 22.55 -24.36 -9.83
N SER C 124 22.49 -24.81 -11.08
CA SER C 124 23.59 -25.54 -11.69
C SER C 124 23.66 -25.20 -13.17
N SER C 125 24.81 -25.50 -13.77
CA SER C 125 25.02 -25.25 -15.18
C SER C 125 24.84 -26.53 -16.00
N VAL D 146 23.60 -4.33 11.02
CA VAL D 146 22.46 -3.54 11.48
C VAL D 146 21.41 -4.47 12.07
N ASP D 147 21.47 -5.74 11.71
CA ASP D 147 20.53 -6.72 12.21
C ASP D 147 20.93 -7.20 13.61
N ILE D 148 19.95 -7.74 14.34
CA ILE D 148 20.20 -8.33 15.65
C ILE D 148 20.85 -9.70 15.43
N GLN D 149 22.11 -9.83 15.84
CA GLN D 149 22.82 -11.09 15.68
C GLN D 149 22.51 -12.01 16.85
N MET D 150 22.17 -13.26 16.53
CA MET D 150 21.80 -14.25 17.54
C MET D 150 22.88 -15.30 17.64
N THR D 151 23.37 -15.53 18.85
CA THR D 151 24.41 -16.52 19.12
C THR D 151 23.79 -17.64 19.96
N GLN D 152 23.85 -18.86 19.45
CA GLN D 152 23.19 -20.02 20.07
C GLN D 152 24.25 -21.04 20.44
N THR D 153 24.33 -21.37 21.73
CA THR D 153 25.31 -22.33 22.23
C THR D 153 24.62 -23.38 23.08
N PRO D 154 25.08 -24.65 23.01
CA PRO D 154 26.17 -25.10 22.15
C PRO D 154 25.71 -25.32 20.71
N SER D 155 26.65 -25.41 19.76
CA SER D 155 26.28 -25.73 18.39
C SER D 155 25.68 -27.13 18.30
N SER D 156 26.14 -28.04 19.15
CA SER D 156 25.61 -29.39 19.22
C SER D 156 26.02 -30.01 20.54
N LEU D 157 25.22 -30.96 21.01
CA LEU D 157 25.55 -31.70 22.23
C LEU D 157 24.89 -33.07 22.17
N SER D 158 25.37 -33.96 23.02
CA SER D 158 24.86 -35.32 23.13
C SER D 158 24.41 -35.56 24.56
N ALA D 159 23.16 -35.99 24.73
CA ALA D 159 22.59 -36.21 26.04
C ALA D 159 21.89 -37.57 26.08
N SER D 160 21.74 -38.10 27.28
CA SER D 160 21.03 -39.35 27.49
C SER D 160 19.55 -39.09 27.72
N LEU D 161 18.76 -40.14 27.58
CA LEU D 161 17.34 -40.03 27.89
C LEU D 161 17.15 -39.73 29.36
N GLY D 162 16.22 -38.82 29.66
CA GLY D 162 16.00 -38.37 31.02
C GLY D 162 16.89 -37.25 31.47
N ASP D 163 17.93 -36.92 30.71
CA ASP D 163 18.81 -35.80 31.07
C ASP D 163 18.04 -34.48 31.01
N ARG D 164 18.56 -33.50 31.74
CA ARG D 164 18.07 -32.13 31.67
C ARG D 164 18.98 -31.34 30.73
N VAL D 165 18.43 -30.89 29.61
CA VAL D 165 19.18 -30.17 28.60
C VAL D 165 18.77 -28.70 28.64
N THR D 166 19.76 -27.83 28.75
CA THR D 166 19.53 -26.38 28.69
C THR D 166 20.48 -25.78 27.66
N ILE D 167 19.91 -25.13 26.64
CA ILE D 167 20.69 -24.53 25.56
C ILE D 167 20.48 -23.03 25.60
N SER D 168 21.54 -22.28 25.30
CA SER D 168 21.57 -20.84 25.49
C SER D 168 21.43 -20.10 24.16
N CYS D 169 20.95 -18.87 24.25
CA CYS D 169 20.77 -18.01 23.09
C CYS D 169 20.98 -16.57 23.54
N ARG D 170 21.92 -15.87 22.91
CA ARG D 170 22.30 -14.52 23.30
C ARG D 170 22.15 -13.59 22.10
N ALA D 171 21.37 -12.52 22.28
CA ALA D 171 21.19 -11.51 21.24
C ALA D 171 22.25 -10.43 21.37
N SER D 172 22.48 -9.72 20.28
CA SER D 172 23.47 -8.64 20.26
C SER D 172 22.98 -7.38 20.97
N GLN D 173 21.69 -7.28 21.27
CA GLN D 173 21.15 -6.16 22.01
C GLN D 173 19.84 -6.59 22.65
N ASP D 174 19.32 -5.73 23.53
CA ASP D 174 18.10 -6.03 24.26
C ASP D 174 16.95 -6.28 23.29
N ILE D 175 16.31 -7.44 23.42
CA ILE D 175 15.18 -7.80 22.57
C ILE D 175 13.87 -7.86 23.35
N SER D 176 13.88 -7.42 24.62
CA SER D 176 12.65 -7.19 25.39
C SER D 176 11.75 -8.42 25.41
N ASN D 177 12.36 -9.59 25.58
CA ASN D 177 11.69 -10.88 25.69
C ASN D 177 11.00 -11.33 24.40
N TYR D 178 11.20 -10.61 23.30
CA TYR D 178 10.67 -11.04 22.00
C TYR D 178 11.61 -12.11 21.45
N LEU D 179 11.42 -13.34 21.92
CA LEU D 179 12.28 -14.46 21.57
C LEU D 179 11.41 -15.70 21.40
N ASN D 180 11.70 -16.49 20.37
CA ASN D 180 10.95 -17.70 20.06
C ASN D 180 11.91 -18.84 19.80
N TRP D 181 11.42 -20.07 20.03
CA TRP D 181 12.19 -21.28 19.81
C TRP D 181 11.48 -22.19 18.82
N TYR D 182 12.25 -22.77 17.90
CA TYR D 182 11.73 -23.66 16.88
C TYR D 182 12.46 -24.99 16.93
N GLN D 183 11.77 -26.04 16.50
CA GLN D 183 12.33 -27.39 16.46
C GLN D 183 12.27 -27.92 15.03
N GLN D 184 13.41 -28.40 14.54
CA GLN D 184 13.52 -28.93 13.18
C GLN D 184 13.98 -30.38 13.25
N LYS D 185 13.20 -31.27 12.65
CA LYS D 185 13.49 -32.70 12.59
C LYS D 185 14.35 -33.01 11.37
N PRO D 186 15.02 -34.17 11.36
CA PRO D 186 15.89 -34.50 10.22
C PRO D 186 15.19 -34.47 8.88
N ASP D 187 13.90 -34.82 8.80
CA ASP D 187 13.20 -34.74 7.53
C ASP D 187 12.90 -33.31 7.10
N GLY D 188 13.31 -32.32 7.88
CA GLY D 188 13.13 -30.93 7.53
C GLY D 188 11.88 -30.27 8.09
N THR D 189 10.99 -31.02 8.73
CA THR D 189 9.78 -30.43 9.27
C THR D 189 10.12 -29.51 10.44
N VAL D 190 9.46 -28.36 10.48
CA VAL D 190 9.74 -27.32 11.46
C VAL D 190 8.46 -27.03 12.24
N LYS D 191 8.60 -26.88 13.55
CA LYS D 191 7.47 -26.60 14.42
C LYS D 191 7.85 -25.50 15.41
N LEU D 192 6.86 -24.69 15.77
CA LEU D 192 7.03 -23.70 16.82
C LEU D 192 6.88 -24.37 18.18
N LEU D 193 7.81 -24.07 19.08
CA LEU D 193 7.80 -24.65 20.43
C LEU D 193 7.43 -23.62 21.49
N ILE D 194 8.20 -22.53 21.58
CA ILE D 194 7.98 -21.50 22.59
C ILE D 194 8.02 -20.14 21.91
N TYR D 195 7.08 -19.28 22.27
CA TYR D 195 7.03 -17.91 21.77
C TYR D 195 7.00 -16.94 22.93
N TYR D 196 7.55 -15.75 22.70
CA TYR D 196 7.65 -14.70 23.72
C TYR D 196 8.32 -15.24 24.99
N THR D 197 9.53 -15.79 24.79
CA THR D 197 10.43 -16.24 25.85
C THR D 197 9.95 -17.51 26.55
N SER D 198 8.70 -17.53 27.05
CA SER D 198 8.29 -18.59 27.96
C SER D 198 6.92 -19.21 27.67
N ARG D 199 6.22 -18.78 26.62
CA ARG D 199 4.88 -19.31 26.35
C ARG D 199 4.96 -20.46 25.38
N LEU D 200 4.25 -21.55 25.71
CA LEU D 200 4.33 -22.80 24.94
C LEU D 200 3.25 -22.84 23.87
N HIS D 201 3.66 -23.16 22.64
CA HIS D 201 2.73 -23.29 21.54
C HIS D 201 1.81 -24.50 21.76
N SER D 202 0.68 -24.50 21.06
CA SER D 202 -0.32 -25.54 21.23
C SER D 202 0.25 -26.91 20.92
N GLY D 203 0.09 -27.84 21.86
CA GLY D 203 0.53 -29.21 21.67
C GLY D 203 1.98 -29.47 22.03
N VAL D 204 2.65 -28.53 22.68
CA VAL D 204 4.05 -28.71 23.08
C VAL D 204 4.10 -29.31 24.47
N PRO D 205 4.88 -30.37 24.70
CA PRO D 205 4.93 -30.99 26.03
C PRO D 205 5.44 -30.02 27.08
N SER D 206 4.92 -30.17 28.30
CA SER D 206 5.24 -29.27 29.39
C SER D 206 6.66 -29.45 29.92
N ARG D 207 7.36 -30.53 29.52
CA ARG D 207 8.76 -30.65 29.87
C ARG D 207 9.63 -29.61 29.18
N PHE D 208 9.10 -28.95 28.15
CA PHE D 208 9.77 -27.79 27.56
C PHE D 208 9.49 -26.55 28.38
N SER D 209 10.48 -25.68 28.47
CA SER D 209 10.31 -24.40 29.14
C SER D 209 11.40 -23.45 28.68
N GLY D 210 11.07 -22.17 28.63
CA GLY D 210 12.02 -21.15 28.24
C GLY D 210 12.00 -20.00 29.23
N SER D 211 13.15 -19.32 29.33
CA SER D 211 13.28 -18.20 30.24
C SER D 211 14.37 -17.27 29.73
N GLY D 212 14.41 -16.08 30.33
CA GLY D 212 15.42 -15.09 29.96
C GLY D 212 14.87 -13.69 29.88
N SER D 213 15.77 -12.71 29.79
CA SER D 213 15.37 -11.32 29.63
C SER D 213 16.55 -10.55 29.04
N GLY D 214 16.25 -9.40 28.47
CA GLY D 214 17.27 -8.59 27.85
C GLY D 214 17.92 -9.24 26.65
N THR D 215 19.13 -9.78 26.83
CA THR D 215 19.86 -10.41 25.76
C THR D 215 20.09 -11.90 25.96
N ASP D 216 19.97 -12.40 27.18
CA ASP D 216 20.32 -13.78 27.52
C ASP D 216 19.05 -14.60 27.71
N TYR D 217 18.91 -15.67 26.93
CA TYR D 217 17.73 -16.52 26.96
C TYR D 217 18.17 -17.98 26.85
N SER D 218 17.27 -18.88 27.25
CA SER D 218 17.60 -20.29 27.25
C SER D 218 16.35 -21.13 27.03
N LEU D 219 16.55 -22.31 26.46
CA LEU D 219 15.53 -23.33 26.32
C LEU D 219 15.93 -24.53 27.16
N THR D 220 14.98 -25.09 27.92
CA THR D 220 15.26 -26.18 28.84
C THR D 220 14.27 -27.32 28.62
N ILE D 221 14.80 -28.50 28.35
CA ILE D 221 14.02 -29.74 28.36
C ILE D 221 14.31 -30.45 29.68
N SER D 222 13.27 -30.63 30.49
CA SER D 222 13.48 -31.13 31.85
C SER D 222 13.95 -32.59 31.84
N ASN D 223 13.18 -33.47 31.22
CA ASN D 223 13.53 -34.89 31.11
C ASN D 223 13.52 -35.26 29.63
N LEU D 224 14.72 -35.44 29.05
CA LEU D 224 14.84 -35.63 27.62
C LEU D 224 14.12 -36.89 27.17
N GLU D 225 13.35 -36.78 26.09
CA GLU D 225 12.62 -37.89 25.52
C GLU D 225 13.09 -38.16 24.10
N GLN D 226 12.71 -39.33 23.58
CA GLN D 226 13.18 -39.76 22.26
C GLN D 226 12.76 -38.78 21.18
N GLU D 227 11.52 -38.30 21.22
CA GLU D 227 11.00 -37.41 20.21
C GLU D 227 11.64 -36.03 20.22
N ASP D 228 12.48 -35.73 21.22
CA ASP D 228 13.13 -34.44 21.32
C ASP D 228 14.48 -34.38 20.62
N ILE D 229 14.92 -35.49 20.02
CA ILE D 229 16.16 -35.49 19.25
C ILE D 229 15.92 -34.69 17.96
N ALA D 230 16.46 -33.48 17.90
CA ALA D 230 16.25 -32.58 16.77
C ALA D 230 17.23 -31.42 16.88
N THR D 231 17.10 -30.45 15.98
CA THR D 231 17.84 -29.21 16.02
C THR D 231 16.92 -28.08 16.45
N TYR D 232 17.42 -27.21 17.32
CA TYR D 232 16.62 -26.16 17.93
C TYR D 232 17.20 -24.81 17.57
N PHE D 233 16.34 -23.88 17.16
CA PHE D 233 16.75 -22.53 16.75
C PHE D 233 16.01 -21.51 17.61
N CYS D 234 16.72 -20.44 17.99
CA CYS D 234 16.09 -19.29 18.60
C CYS D 234 15.95 -18.18 17.57
N GLN D 235 15.01 -17.26 17.82
CA GLN D 235 14.71 -16.21 16.87
C GLN D 235 14.15 -15.01 17.61
N GLN D 236 14.79 -13.86 17.44
CA GLN D 236 14.26 -12.63 18.01
C GLN D 236 13.17 -12.07 17.12
N GLY D 237 12.10 -11.58 17.75
CA GLY D 237 11.03 -10.94 17.03
C GLY D 237 10.88 -9.50 17.45
N ASN D 238 11.98 -8.92 17.93
CA ASN D 238 11.95 -7.56 18.47
C ASN D 238 12.05 -6.51 17.37
N THR D 239 12.87 -6.75 16.36
CA THR D 239 13.13 -5.76 15.32
C THR D 239 13.27 -6.45 13.97
N LEU D 240 12.68 -5.85 12.94
CA LEU D 240 12.84 -6.35 11.59
C LEU D 240 14.25 -6.05 11.09
N PRO D 241 14.90 -7.00 10.40
CA PRO D 241 14.35 -8.33 10.10
C PRO D 241 14.51 -9.31 11.25
N PRO D 242 13.57 -10.26 11.37
CA PRO D 242 13.77 -11.35 12.33
C PRO D 242 15.03 -12.12 12.00
N THR D 243 15.80 -12.46 13.03
CA THR D 243 17.06 -13.15 12.87
C THR D 243 17.10 -14.37 13.76
N PHE D 244 17.83 -15.39 13.30
CA PHE D 244 17.89 -16.69 13.95
C PHE D 244 19.31 -16.98 14.39
N GLY D 245 19.43 -17.90 15.35
CA GLY D 245 20.71 -18.45 15.69
C GLY D 245 21.11 -19.56 14.74
N ALA D 246 22.38 -19.97 14.84
CA ALA D 246 22.86 -21.06 14.01
C ALA D 246 22.27 -22.42 14.40
N GLY D 247 21.60 -22.50 15.54
CA GLY D 247 20.93 -23.72 15.95
C GLY D 247 21.78 -24.58 16.88
N THR D 248 21.09 -25.48 17.57
CA THR D 248 21.73 -26.47 18.45
C THR D 248 21.19 -27.84 18.08
N LYS D 249 22.07 -28.70 17.56
CA LYS D 249 21.68 -30.06 17.22
C LYS D 249 21.81 -30.94 18.47
N LEU D 250 20.70 -31.51 18.90
CA LEU D 250 20.64 -32.33 20.11
C LEU D 250 20.44 -33.78 19.71
N GLU D 251 21.42 -34.63 20.02
CA GLU D 251 21.36 -36.04 19.69
C GLU D 251 21.47 -36.88 20.96
N LEU D 252 21.30 -38.19 20.79
CA LEU D 252 21.07 -39.09 21.92
C LEU D 252 22.38 -39.71 22.40
N LYS D 253 22.40 -40.05 23.70
CA LYS D 253 23.50 -40.74 24.36
C LYS D 253 24.78 -39.91 24.43
N GLN E 1 -17.09 -21.31 -8.71
CA GLN E 1 -17.38 -20.58 -7.48
C GLN E 1 -17.88 -19.17 -7.80
N VAL E 2 -18.74 -18.64 -6.92
CA VAL E 2 -19.35 -17.34 -7.17
C VAL E 2 -18.33 -16.25 -6.93
N GLN E 3 -18.13 -15.39 -7.93
CA GLN E 3 -17.23 -14.26 -7.83
C GLN E 3 -17.91 -13.02 -8.39
N LEU E 4 -17.72 -11.89 -7.71
CA LEU E 4 -18.20 -10.59 -8.16
C LEU E 4 -17.00 -9.65 -8.21
N GLN E 5 -16.61 -9.24 -9.41
CA GLN E 5 -15.42 -8.42 -9.62
C GLN E 5 -15.86 -7.01 -10.01
N GLN E 6 -15.46 -6.02 -9.21
CA GLN E 6 -15.84 -4.64 -9.44
C GLN E 6 -14.68 -3.86 -10.04
N SER E 7 -15.02 -2.81 -10.78
CA SER E 7 -14.02 -2.00 -11.45
C SER E 7 -13.18 -1.22 -10.45
N GLY E 8 -12.05 -0.70 -10.93
CA GLY E 8 -11.09 -0.06 -10.05
C GLY E 8 -11.57 1.28 -9.52
N ALA E 9 -10.89 1.74 -8.47
CA ALA E 9 -11.23 3.01 -7.84
C ALA E 9 -11.03 4.15 -8.82
N GLU E 10 -11.95 5.12 -8.77
CA GLU E 10 -11.92 6.28 -9.65
C GLU E 10 -11.87 7.56 -8.83
N LEU E 11 -11.03 8.50 -9.26
CA LEU E 11 -11.04 9.85 -8.73
C LEU E 11 -11.75 10.75 -9.73
N ALA E 12 -12.77 11.47 -9.26
CA ALA E 12 -13.60 12.28 -10.13
C ALA E 12 -13.76 13.68 -9.55
N LYS E 13 -14.13 14.61 -10.41
CA LYS E 13 -14.29 16.02 -10.09
C LYS E 13 -15.71 16.30 -9.58
N PRO E 14 -15.87 17.31 -8.73
CA PRO E 14 -17.21 17.65 -8.23
C PRO E 14 -18.14 18.05 -9.36
N GLY E 15 -19.38 17.58 -9.28
CA GLY E 15 -20.37 17.84 -10.30
C GLY E 15 -20.33 16.91 -11.50
N ALA E 16 -19.32 16.06 -11.60
CA ALA E 16 -19.19 15.16 -12.74
C ALA E 16 -20.08 13.93 -12.56
N SER E 17 -20.14 13.12 -13.61
CA SER E 17 -20.77 11.80 -13.56
C SER E 17 -19.69 10.73 -13.68
N MET E 18 -20.06 9.50 -13.33
CA MET E 18 -19.12 8.39 -13.41
C MET E 18 -19.89 7.09 -13.44
N LYS E 19 -19.22 6.05 -13.93
CA LYS E 19 -19.80 4.74 -14.15
C LYS E 19 -18.89 3.67 -13.58
N MET E 20 -19.47 2.72 -12.85
CA MET E 20 -18.73 1.61 -12.29
C MET E 20 -19.45 0.31 -12.65
N SER E 21 -18.70 -0.78 -12.71
CA SER E 21 -19.21 -2.05 -13.19
C SER E 21 -18.99 -3.15 -12.16
N CYS E 22 -19.83 -4.18 -12.24
CA CYS E 22 -19.78 -5.35 -11.36
C CYS E 22 -19.88 -6.59 -12.24
N ARG E 23 -18.76 -7.27 -12.43
CA ARG E 23 -18.66 -8.42 -13.33
C ARG E 23 -18.87 -9.70 -12.54
N ALA E 24 -19.89 -10.46 -12.91
CA ALA E 24 -20.23 -11.71 -12.23
C ALA E 24 -19.63 -12.90 -12.97
N SER E 25 -19.28 -13.94 -12.21
CA SER E 25 -18.74 -15.16 -12.78
C SER E 25 -18.99 -16.30 -11.79
N GLY E 26 -19.12 -17.51 -12.33
CA GLY E 26 -19.33 -18.68 -11.51
C GLY E 26 -20.78 -19.06 -11.28
N TYR E 27 -21.72 -18.39 -11.96
CA TYR E 27 -23.14 -18.69 -11.81
C TYR E 27 -23.88 -18.01 -12.95
N SER E 28 -25.15 -18.39 -13.12
CA SER E 28 -26.00 -17.78 -14.13
C SER E 28 -26.38 -16.37 -13.69
N PHE E 29 -25.92 -15.37 -14.45
CA PHE E 29 -26.04 -13.98 -14.04
C PHE E 29 -27.50 -13.56 -13.89
N THR E 30 -28.38 -14.10 -14.73
CA THR E 30 -29.77 -13.65 -14.76
C THR E 30 -30.63 -14.28 -13.67
N SER E 31 -30.14 -15.27 -12.94
CA SER E 31 -30.96 -15.99 -11.98
C SER E 31 -30.95 -15.35 -10.59
N TYR E 32 -30.22 -14.26 -10.39
CA TYR E 32 -30.13 -13.64 -9.08
C TYR E 32 -30.07 -12.12 -9.24
N TRP E 33 -30.62 -11.42 -8.25
CA TRP E 33 -30.57 -9.96 -8.24
C TRP E 33 -29.17 -9.47 -7.88
N ILE E 34 -28.89 -8.23 -8.28
CA ILE E 34 -27.64 -7.56 -7.91
C ILE E 34 -28.01 -6.34 -7.09
N HIS E 35 -27.64 -6.34 -5.82
CA HIS E 35 -27.81 -5.18 -4.96
C HIS E 35 -26.60 -4.27 -5.06
N TRP E 36 -26.83 -2.98 -4.89
CA TRP E 36 -25.76 -1.99 -4.81
C TRP E 36 -25.87 -1.27 -3.47
N LEU E 37 -24.73 -1.05 -2.83
CA LEU E 37 -24.70 -0.49 -1.48
C LEU E 37 -23.59 0.55 -1.37
N LYS E 38 -23.77 1.48 -0.43
CA LYS E 38 -22.84 2.57 -0.22
C LYS E 38 -22.34 2.52 1.21
N GLN E 39 -21.02 2.62 1.38
CA GLN E 39 -20.40 2.70 2.70
C GLN E 39 -19.44 3.88 2.73
N ARG E 40 -19.76 4.88 3.52
CA ARG E 40 -18.86 5.99 3.77
C ARG E 40 -17.93 5.64 4.94
N PRO E 41 -16.78 6.31 5.04
CA PRO E 41 -15.81 5.95 6.10
C PRO E 41 -16.41 5.94 7.50
N ASP E 42 -16.19 4.84 8.20
CA ASP E 42 -16.57 4.62 9.59
C ASP E 42 -18.08 4.55 9.81
N GLN E 43 -18.88 4.54 8.74
CA GLN E 43 -20.33 4.45 8.87
C GLN E 43 -20.80 3.06 8.45
N GLY E 44 -22.11 2.84 8.58
CA GLY E 44 -22.72 1.61 8.16
C GLY E 44 -23.09 1.64 6.68
N LEU E 45 -23.59 0.49 6.22
CA LEU E 45 -23.97 0.36 4.82
C LEU E 45 -25.32 1.01 4.56
N GLU E 46 -25.48 1.53 3.34
CA GLU E 46 -26.74 2.09 2.88
C GLU E 46 -27.17 1.36 1.62
N TRP E 47 -28.40 0.89 1.59
CA TRP E 47 -28.91 0.19 0.42
C TRP E 47 -29.24 1.20 -0.67
N ILE E 48 -28.55 1.10 -1.81
CA ILE E 48 -28.81 1.99 -2.92
C ILE E 48 -29.99 1.49 -3.75
N GLY E 49 -29.95 0.22 -4.13
CA GLY E 49 -31.02 -0.36 -4.92
C GLY E 49 -30.60 -1.73 -5.42
N TYR E 50 -31.54 -2.39 -6.07
CA TYR E 50 -31.31 -3.69 -6.67
C TYR E 50 -31.84 -3.69 -8.10
N ILE E 51 -31.29 -4.60 -8.90
CA ILE E 51 -31.70 -4.75 -10.30
C ILE E 51 -31.83 -6.23 -10.61
N ASP E 52 -32.86 -6.58 -11.37
CA ASP E 52 -33.05 -7.94 -11.84
C ASP E 52 -32.49 -8.05 -13.25
N PRO E 53 -31.33 -8.69 -13.45
CA PRO E 53 -30.75 -8.76 -14.80
C PRO E 53 -31.61 -9.50 -15.80
N ALA E 54 -32.49 -10.41 -15.34
CA ALA E 54 -33.33 -11.17 -16.25
C ALA E 54 -34.44 -10.32 -16.87
N THR E 55 -34.82 -9.21 -16.23
CA THR E 55 -35.88 -8.35 -16.73
C THR E 55 -35.49 -6.90 -16.82
N ALA E 56 -34.26 -6.53 -16.43
CA ALA E 56 -33.78 -5.16 -16.38
C ALA E 56 -34.59 -4.31 -15.41
N TYR E 57 -35.52 -4.92 -14.69
CA TYR E 57 -36.31 -4.20 -13.70
C TYR E 57 -35.42 -3.80 -12.53
N THR E 58 -35.49 -2.53 -12.14
CA THR E 58 -34.69 -2.02 -11.04
C THR E 58 -35.58 -1.20 -10.10
N GLU E 59 -35.24 -1.26 -8.82
CA GLU E 59 -35.99 -0.56 -7.78
C GLU E 59 -34.98 0.01 -6.80
N SER E 60 -35.02 1.32 -6.58
CA SER E 60 -33.98 2.02 -5.84
C SER E 60 -34.52 2.59 -4.54
N ASN E 61 -33.62 2.77 -3.57
CA ASN E 61 -33.92 3.55 -2.39
C ASN E 61 -34.32 4.97 -2.80
N GLN E 62 -35.32 5.52 -2.11
CA GLN E 62 -35.79 6.85 -2.46
C GLN E 62 -34.75 7.92 -2.22
N LYS E 63 -33.74 7.65 -1.40
CA LYS E 63 -32.66 8.59 -1.16
C LYS E 63 -31.64 8.64 -2.30
N PHE E 64 -31.76 7.74 -3.29
CA PHE E 64 -30.84 7.70 -4.42
C PHE E 64 -31.57 7.74 -5.75
N LYS E 65 -32.84 8.16 -5.76
CA LYS E 65 -33.60 8.19 -7.00
C LYS E 65 -33.03 9.20 -7.99
N ASP E 66 -32.45 10.29 -7.50
CA ASP E 66 -31.85 11.32 -8.34
C ASP E 66 -30.32 11.28 -8.30
N LYS E 67 -29.75 10.17 -7.87
CA LYS E 67 -28.31 10.05 -7.70
C LYS E 67 -27.71 8.86 -8.43
N ALA E 68 -28.39 7.72 -8.43
CA ALA E 68 -27.84 6.48 -8.96
C ALA E 68 -28.72 5.93 -10.09
N ILE E 69 -28.05 5.24 -11.02
CA ILE E 69 -28.72 4.54 -12.12
C ILE E 69 -28.13 3.14 -12.20
N LEU E 70 -29.00 2.14 -12.23
CA LEU E 70 -28.59 0.74 -12.25
C LEU E 70 -28.98 0.12 -13.58
N THR E 71 -28.00 -0.44 -14.28
CA THR E 71 -28.21 -1.14 -15.54
C THR E 71 -27.53 -2.51 -15.47
N ALA E 72 -27.85 -3.36 -16.44
CA ALA E 72 -27.29 -4.70 -16.49
C ALA E 72 -27.24 -5.18 -17.93
N ASP E 73 -26.14 -5.84 -18.28
CA ASP E 73 -25.94 -6.47 -19.58
C ASP E 73 -25.97 -7.97 -19.37
N ARG E 74 -27.01 -8.63 -19.91
CA ARG E 74 -27.19 -10.05 -19.66
C ARG E 74 -26.06 -10.89 -20.23
N SER E 75 -25.59 -10.54 -21.44
CA SER E 75 -24.56 -11.32 -22.09
C SER E 75 -23.16 -11.03 -21.56
N SER E 76 -22.96 -9.86 -20.95
CA SER E 76 -21.64 -9.49 -20.44
C SER E 76 -21.41 -9.91 -19.00
N ASN E 77 -22.44 -10.46 -18.33
CA ASN E 77 -22.36 -10.81 -16.91
C ASN E 77 -21.98 -9.60 -16.06
N THR E 78 -22.40 -8.40 -16.46
CA THR E 78 -21.96 -7.17 -15.84
C THR E 78 -23.15 -6.31 -15.44
N ALA E 79 -23.17 -5.90 -14.18
CA ALA E 79 -24.09 -4.88 -13.70
C ALA E 79 -23.34 -3.57 -13.55
N PHE E 80 -23.99 -2.47 -13.91
CA PHE E 80 -23.37 -1.15 -13.87
C PHE E 80 -24.15 -0.24 -12.92
N MET E 81 -23.44 0.74 -12.36
CA MET E 81 -24.08 1.81 -11.62
C MET E 81 -23.51 3.14 -12.07
N TYR E 82 -24.39 4.07 -12.42
CA TYR E 82 -24.01 5.43 -12.78
C TYR E 82 -24.30 6.35 -11.61
N LEU E 83 -23.31 7.18 -11.26
CA LEU E 83 -23.51 8.23 -10.27
C LEU E 83 -23.45 9.58 -10.99
N ASN E 84 -24.27 10.52 -10.55
CA ASN E 84 -24.27 11.85 -11.13
C ASN E 84 -24.20 12.88 -10.02
N SER E 85 -23.76 14.08 -10.41
CA SER E 85 -23.65 15.23 -9.52
C SER E 85 -22.81 14.91 -8.29
N LEU E 86 -21.54 14.58 -8.53
CA LEU E 86 -20.65 14.13 -7.47
C LEU E 86 -20.26 15.25 -6.52
N THR E 87 -20.37 14.97 -5.23
CA THR E 87 -19.94 15.85 -4.15
C THR E 87 -19.14 15.03 -3.15
N SER E 88 -18.70 15.69 -2.08
CA SER E 88 -17.96 14.97 -1.03
C SER E 88 -18.80 13.89 -0.39
N GLU E 89 -20.12 14.09 -0.31
CA GLU E 89 -21.01 13.11 0.29
C GLU E 89 -21.03 11.80 -0.49
N ASP E 90 -20.67 11.84 -1.77
CA ASP E 90 -20.63 10.64 -2.60
C ASP E 90 -19.32 9.87 -2.47
N SER E 91 -18.28 10.51 -1.93
CA SER E 91 -17.02 9.82 -1.67
C SER E 91 -17.25 8.69 -0.68
N ALA E 92 -17.15 7.46 -1.14
CA ALA E 92 -17.47 6.29 -0.33
C ALA E 92 -16.94 5.06 -1.02
N VAL E 93 -17.20 3.91 -0.43
CA VAL E 93 -16.95 2.61 -1.03
C VAL E 93 -18.29 2.05 -1.45
N TYR E 94 -18.40 1.65 -2.72
CA TYR E 94 -19.65 1.17 -3.28
C TYR E 94 -19.51 -0.31 -3.58
N TYR E 95 -20.43 -1.11 -3.06
CA TYR E 95 -20.40 -2.55 -3.21
C TYR E 95 -21.53 -3.03 -4.11
N CYS E 96 -21.27 -4.08 -4.87
CA CYS E 96 -22.33 -4.87 -5.47
C CYS E 96 -22.41 -6.20 -4.73
N ALA E 97 -23.62 -6.74 -4.65
CA ALA E 97 -23.81 -7.99 -3.92
C ALA E 97 -24.93 -8.77 -4.55
N ARG E 98 -24.73 -10.09 -4.65
CA ARG E 98 -25.74 -10.97 -5.23
C ARG E 98 -26.78 -11.34 -4.18
N GLU E 99 -28.04 -11.40 -4.64
CA GLU E 99 -29.14 -11.83 -3.78
C GLU E 99 -29.10 -13.34 -3.58
N SER E 100 -29.49 -13.77 -2.39
CA SER E 100 -29.52 -15.19 -2.07
C SER E 100 -30.63 -15.92 -2.83
N PRO E 101 -30.49 -17.26 -3.00
CA PRO E 101 -31.51 -18.01 -3.73
C PRO E 101 -32.74 -18.32 -2.89
N ARG E 102 -33.15 -17.34 -2.11
CA ARG E 102 -34.39 -17.37 -1.33
C ARG E 102 -34.62 -18.60 -0.51
N ILE E 107 -40.36 -15.25 -2.48
CA ILE E 107 -40.14 -15.35 -1.04
C ILE E 107 -38.66 -15.28 -0.71
N TYR E 108 -38.11 -14.07 -0.62
CA TYR E 108 -36.66 -13.88 -0.48
C TYR E 108 -36.30 -13.45 0.94
N TYR E 109 -35.13 -13.90 1.40
CA TYR E 109 -34.59 -13.37 2.65
C TYR E 109 -34.10 -11.93 2.50
N TYR E 110 -33.86 -11.48 1.26
CA TYR E 110 -33.11 -10.26 1.00
C TYR E 110 -31.75 -10.31 1.69
N ALA E 111 -31.11 -11.48 1.60
CA ALA E 111 -29.76 -11.67 2.12
C ALA E 111 -28.78 -11.64 0.96
N MET E 112 -27.69 -10.90 1.13
CA MET E 112 -26.68 -10.73 0.09
C MET E 112 -25.54 -11.69 0.39
N ASP E 113 -25.54 -12.84 -0.28
CA ASP E 113 -24.67 -13.95 0.09
C ASP E 113 -23.27 -13.86 -0.50
N TYR E 114 -23.07 -13.08 -1.56
CA TYR E 114 -21.76 -12.93 -2.18
C TYR E 114 -21.55 -11.48 -2.57
N TRP E 115 -20.41 -10.92 -2.15
CA TRP E 115 -20.14 -9.49 -2.27
C TRP E 115 -18.88 -9.25 -3.08
N GLY E 116 -18.94 -8.24 -3.94
CA GLY E 116 -17.74 -7.77 -4.61
C GLY E 116 -16.81 -7.06 -3.65
N GLN E 117 -15.58 -6.82 -4.11
CA GLN E 117 -14.58 -6.20 -3.25
C GLN E 117 -14.80 -4.72 -3.03
N GLY E 118 -15.76 -4.12 -3.71
CA GLY E 118 -16.03 -2.70 -3.52
C GLY E 118 -15.23 -1.83 -4.45
N THR E 119 -15.80 -0.66 -4.77
CA THR E 119 -15.18 0.34 -5.63
C THR E 119 -15.09 1.65 -4.85
N THR E 120 -13.87 2.08 -4.56
CA THR E 120 -13.66 3.32 -3.81
C THR E 120 -13.82 4.52 -4.73
N VAL E 121 -14.79 5.37 -4.45
CA VAL E 121 -15.01 6.60 -5.21
C VAL E 121 -14.48 7.77 -4.39
N THR E 122 -13.60 8.56 -5.01
CA THR E 122 -13.04 9.75 -4.38
C THR E 122 -13.39 10.96 -5.22
N VAL E 123 -14.15 11.89 -4.64
CA VAL E 123 -14.56 13.12 -5.30
C VAL E 123 -13.65 14.24 -4.81
N SER E 124 -12.85 14.79 -5.72
CA SER E 124 -11.91 15.86 -5.38
C SER E 124 -11.85 16.86 -6.52
N SER E 125 -11.51 18.10 -6.18
CA SER E 125 -11.40 19.18 -7.15
C SER E 125 -10.27 18.92 -8.15
N VAL F 146 -41.62 4.80 6.57
CA VAL F 146 -40.22 5.12 6.87
C VAL F 146 -39.42 3.84 6.98
N ASP F 147 -38.10 3.96 6.85
CA ASP F 147 -37.22 2.79 6.89
C ASP F 147 -37.20 2.19 8.29
N ILE F 148 -37.07 0.86 8.33
CA ILE F 148 -36.90 0.17 9.60
C ILE F 148 -35.51 0.48 10.15
N GLN F 149 -35.45 0.92 11.40
CA GLN F 149 -34.21 1.37 12.02
C GLN F 149 -33.58 0.21 12.80
N MET F 150 -32.34 -0.11 12.48
CA MET F 150 -31.61 -1.19 13.13
C MET F 150 -30.61 -0.61 14.13
N THR F 151 -30.70 -1.05 15.37
CA THR F 151 -29.82 -0.58 16.44
C THR F 151 -28.92 -1.73 16.89
N GLN F 152 -27.61 -1.53 16.79
CA GLN F 152 -26.63 -2.52 17.20
C GLN F 152 -25.90 -2.07 18.45
N THR F 153 -25.72 -3.00 19.40
CA THR F 153 -24.97 -2.76 20.61
C THR F 153 -24.10 -3.98 20.88
N PRO F 154 -22.85 -3.79 21.34
CA PRO F 154 -22.24 -2.47 21.58
C PRO F 154 -21.76 -1.81 20.30
N SER F 155 -21.45 -0.52 20.37
CA SER F 155 -20.86 0.15 19.22
C SER F 155 -19.51 -0.45 18.87
N SER F 156 -18.66 -0.66 19.86
CA SER F 156 -17.39 -1.35 19.70
C SER F 156 -17.19 -2.28 20.89
N LEU F 157 -16.27 -3.23 20.73
CA LEU F 157 -16.05 -4.24 21.76
C LEU F 157 -14.61 -4.74 21.67
N SER F 158 -13.91 -4.71 22.82
CA SER F 158 -12.57 -5.24 22.92
C SER F 158 -12.63 -6.64 23.49
N ALA F 159 -11.89 -7.57 22.87
CA ALA F 159 -11.91 -8.96 23.30
C ALA F 159 -10.55 -9.59 23.03
N SER F 160 -10.30 -10.69 23.72
CA SER F 160 -9.11 -11.50 23.51
C SER F 160 -9.49 -12.77 22.77
N LEU F 161 -8.50 -13.35 22.09
CA LEU F 161 -8.74 -14.58 21.35
C LEU F 161 -9.10 -15.71 22.31
N GLY F 162 -10.05 -16.55 21.89
CA GLY F 162 -10.57 -17.60 22.73
C GLY F 162 -11.78 -17.19 23.56
N ASP F 163 -12.12 -15.91 23.60
CA ASP F 163 -13.27 -15.45 24.37
C ASP F 163 -14.57 -15.79 23.65
N ARG F 164 -15.64 -15.83 24.43
CA ARG F 164 -17.00 -15.97 23.91
C ARG F 164 -17.63 -14.59 23.83
N VAL F 165 -18.09 -14.22 22.64
CA VAL F 165 -18.55 -12.86 22.35
C VAL F 165 -19.97 -12.91 21.83
N THR F 166 -20.83 -12.05 22.39
CA THR F 166 -22.20 -11.90 21.91
C THR F 166 -22.47 -10.42 21.64
N ILE F 167 -23.00 -10.12 20.45
CA ILE F 167 -23.40 -8.78 20.08
C ILE F 167 -24.89 -8.78 19.76
N SER F 168 -25.52 -7.63 19.91
CA SER F 168 -26.97 -7.52 19.86
C SER F 168 -27.41 -6.57 18.75
N CYS F 169 -28.61 -6.82 18.23
CA CYS F 169 -29.22 -6.04 17.17
C CYS F 169 -30.71 -5.95 17.41
N ARG F 170 -31.25 -4.74 17.38
CA ARG F 170 -32.68 -4.52 17.62
C ARG F 170 -33.28 -3.74 16.47
N ALA F 171 -34.35 -4.27 15.89
CA ALA F 171 -35.09 -3.60 14.84
C ALA F 171 -36.24 -2.80 15.44
N SER F 172 -36.55 -1.66 14.83
CA SER F 172 -37.56 -0.75 15.37
C SER F 172 -38.96 -1.33 15.22
N GLN F 173 -39.06 -2.49 14.58
CA GLN F 173 -40.34 -3.18 14.46
C GLN F 173 -40.08 -4.67 14.25
N ASP F 174 -41.12 -5.46 14.46
CA ASP F 174 -41.04 -6.90 14.29
C ASP F 174 -40.67 -7.24 12.85
N ILE F 175 -39.54 -7.91 12.66
CA ILE F 175 -39.05 -8.28 11.34
C ILE F 175 -39.19 -9.77 11.07
N SER F 176 -39.79 -10.51 12.00
CA SER F 176 -40.22 -11.89 11.78
C SER F 176 -39.09 -12.77 11.26
N ASN F 177 -37.96 -12.73 11.95
CA ASN F 177 -36.78 -13.58 11.73
C ASN F 177 -36.07 -13.30 10.41
N TYR F 178 -36.44 -12.24 9.68
CA TYR F 178 -35.72 -11.86 8.46
C TYR F 178 -34.58 -10.93 8.84
N LEU F 179 -33.62 -11.49 9.59
CA LEU F 179 -32.45 -10.78 10.07
C LEU F 179 -31.20 -11.50 9.61
N ASN F 180 -30.27 -10.76 9.02
CA ASN F 180 -29.03 -11.32 8.49
C ASN F 180 -27.83 -10.64 9.13
N TRP F 181 -26.75 -11.40 9.30
CA TRP F 181 -25.51 -10.89 9.87
C TRP F 181 -24.42 -10.91 8.80
N TYR F 182 -23.59 -9.87 8.80
CA TYR F 182 -22.49 -9.74 7.86
C TYR F 182 -21.21 -9.41 8.61
N GLN F 183 -20.08 -9.76 7.99
CA GLN F 183 -18.76 -9.53 8.55
C GLN F 183 -17.92 -8.75 7.55
N GLN F 184 -17.27 -7.70 8.01
CA GLN F 184 -16.40 -6.87 7.17
C GLN F 184 -15.00 -6.88 7.77
N LYS F 185 -14.07 -7.56 7.10
CA LYS F 185 -12.68 -7.57 7.52
C LYS F 185 -12.06 -6.19 7.33
N PRO F 186 -10.96 -5.90 8.02
CA PRO F 186 -10.33 -4.57 7.88
C PRO F 186 -9.89 -4.23 6.47
N ASP F 187 -9.69 -5.22 5.59
CA ASP F 187 -9.30 -4.92 4.22
C ASP F 187 -10.48 -4.45 3.36
N GLY F 188 -11.70 -4.57 3.86
CA GLY F 188 -12.89 -4.12 3.15
C GLY F 188 -13.80 -5.23 2.69
N THR F 189 -13.31 -6.47 2.62
CA THR F 189 -14.13 -7.56 2.13
C THR F 189 -15.30 -7.81 3.08
N VAL F 190 -16.43 -8.21 2.49
CA VAL F 190 -17.67 -8.42 3.22
C VAL F 190 -18.19 -9.80 2.90
N LYS F 191 -18.59 -10.55 3.92
CA LYS F 191 -19.15 -11.88 3.76
C LYS F 191 -20.47 -11.98 4.51
N LEU F 192 -21.36 -12.81 4.00
CA LEU F 192 -22.58 -13.17 4.72
C LEU F 192 -22.25 -14.27 5.72
N LEU F 193 -22.50 -14.00 7.00
CA LEU F 193 -22.30 -15.00 8.05
C LEU F 193 -23.57 -15.81 8.28
N ILE F 194 -24.64 -15.14 8.67
CA ILE F 194 -25.89 -15.79 9.05
C ILE F 194 -27.04 -15.09 8.35
N TYR F 195 -27.97 -15.89 7.83
CA TYR F 195 -29.19 -15.38 7.21
C TYR F 195 -30.38 -16.05 7.88
N TYR F 196 -31.50 -15.33 7.89
CA TYR F 196 -32.75 -15.81 8.51
C TYR F 196 -32.51 -16.19 9.97
N THR F 197 -31.95 -15.25 10.73
CA THR F 197 -31.72 -15.33 12.17
C THR F 197 -30.63 -16.33 12.56
N SER F 198 -30.71 -17.57 12.07
CA SER F 198 -29.86 -18.62 12.62
C SER F 198 -29.19 -19.53 11.58
N ARG F 199 -29.37 -19.30 10.29
CA ARG F 199 -28.87 -20.22 9.27
C ARG F 199 -27.49 -19.78 8.80
N LEU F 200 -26.51 -20.67 8.92
CA LEU F 200 -25.14 -20.37 8.54
C LEU F 200 -24.96 -20.38 7.03
N HIS F 201 -24.22 -19.40 6.53
CA HIS F 201 -23.86 -19.37 5.13
C HIS F 201 -22.74 -20.37 4.86
N SER F 202 -22.54 -20.69 3.58
CA SER F 202 -21.53 -21.66 3.19
C SER F 202 -20.14 -21.17 3.59
N GLY F 203 -19.41 -22.02 4.30
CA GLY F 203 -18.04 -21.73 4.70
C GLY F 203 -17.88 -21.08 6.06
N VAL F 204 -18.98 -20.72 6.72
CA VAL F 204 -18.89 -20.07 8.03
C VAL F 204 -18.66 -21.13 9.09
N PRO F 205 -17.63 -20.98 9.93
CA PRO F 205 -17.37 -21.98 10.96
C PRO F 205 -18.49 -22.06 11.99
N SER F 206 -18.63 -23.25 12.59
CA SER F 206 -19.73 -23.50 13.51
C SER F 206 -19.64 -22.72 14.81
N ARG F 207 -18.50 -22.07 15.08
CA ARG F 207 -18.40 -21.24 16.28
C ARG F 207 -19.26 -19.99 16.20
N PHE F 208 -19.74 -19.64 15.00
CA PHE F 208 -20.71 -18.57 14.86
C PHE F 208 -22.11 -19.09 15.12
N SER F 209 -22.93 -18.28 15.79
CA SER F 209 -24.28 -18.67 16.15
C SER F 209 -25.16 -17.45 16.18
N GLY F 210 -26.41 -17.61 15.74
CA GLY F 210 -27.37 -16.54 15.72
C GLY F 210 -28.73 -16.96 16.23
N SER F 211 -29.40 -16.07 16.96
CA SER F 211 -30.70 -16.41 17.54
C SER F 211 -31.51 -15.14 17.70
N GLY F 212 -32.79 -15.31 18.02
CA GLY F 212 -33.68 -14.18 18.23
C GLY F 212 -35.02 -14.33 17.54
N SER F 213 -35.91 -13.37 17.78
CA SER F 213 -37.22 -13.34 17.16
C SER F 213 -37.82 -11.95 17.39
N GLY F 214 -38.86 -11.64 16.63
CA GLY F 214 -39.52 -10.35 16.74
C GLY F 214 -38.60 -9.19 16.45
N THR F 215 -38.17 -8.49 17.51
CA THR F 215 -37.33 -7.31 17.36
C THR F 215 -35.89 -7.51 17.79
N ASP F 216 -35.60 -8.50 18.62
CA ASP F 216 -34.27 -8.68 19.22
C ASP F 216 -33.57 -9.87 18.59
N TYR F 217 -32.29 -9.68 18.25
CA TYR F 217 -31.48 -10.73 17.65
C TYR F 217 -30.05 -10.58 18.16
N SER F 218 -29.30 -11.68 18.13
CA SER F 218 -27.95 -11.67 18.68
C SER F 218 -27.06 -12.60 17.87
N LEU F 219 -25.78 -12.23 17.78
CA LEU F 219 -24.75 -13.05 17.16
C LEU F 219 -23.73 -13.41 18.23
N THR F 220 -23.40 -14.70 18.31
CA THR F 220 -22.49 -15.21 19.34
C THR F 220 -21.32 -15.91 18.68
N ILE F 221 -20.11 -15.45 18.97
CA ILE F 221 -18.88 -16.07 18.51
C ILE F 221 -18.24 -16.79 19.69
N SER F 222 -18.28 -18.12 19.66
CA SER F 222 -17.57 -18.90 20.66
C SER F 222 -16.12 -19.11 20.23
N ASN F 223 -15.20 -19.07 21.19
CA ASN F 223 -13.77 -19.26 20.94
C ASN F 223 -13.28 -18.31 19.85
N LEU F 224 -13.05 -17.05 20.21
CA LEU F 224 -12.69 -16.05 19.23
C LEU F 224 -11.34 -16.36 18.57
N GLU F 225 -11.24 -16.07 17.28
CA GLU F 225 -10.02 -16.25 16.51
C GLU F 225 -9.68 -14.95 15.80
N GLN F 226 -8.45 -14.90 15.27
CA GLN F 226 -7.97 -13.68 14.63
C GLN F 226 -8.82 -13.30 13.43
N GLU F 227 -9.30 -14.29 12.67
CA GLU F 227 -10.14 -14.01 11.53
C GLU F 227 -11.51 -13.46 11.93
N ASP F 228 -11.91 -13.60 13.19
CA ASP F 228 -13.17 -13.05 13.67
C ASP F 228 -13.06 -11.57 14.00
N ILE F 229 -11.85 -11.05 14.17
CA ILE F 229 -11.63 -9.64 14.46
C ILE F 229 -12.07 -8.81 13.27
N ALA F 230 -13.29 -8.29 13.31
CA ALA F 230 -13.85 -7.56 12.18
C ALA F 230 -15.05 -6.75 12.66
N THR F 231 -15.62 -5.98 11.73
CA THR F 231 -16.87 -5.26 12.00
C THR F 231 -18.05 -6.11 11.54
N TYR F 232 -19.09 -6.14 12.36
CA TYR F 232 -20.24 -7.00 12.12
C TYR F 232 -21.49 -6.14 11.97
N PHE F 233 -22.28 -6.43 10.94
CA PHE F 233 -23.49 -5.68 10.63
C PHE F 233 -24.69 -6.63 10.60
N CYS F 234 -25.79 -6.19 11.20
CA CYS F 234 -27.06 -6.87 11.02
C CYS F 234 -27.88 -6.13 9.96
N GLN F 235 -28.82 -6.85 9.37
CA GLN F 235 -29.63 -6.30 8.28
C GLN F 235 -30.97 -6.99 8.25
N GLN F 236 -32.04 -6.21 8.30
CA GLN F 236 -33.39 -6.76 8.20
C GLN F 236 -33.76 -6.95 6.73
N GLY F 237 -34.51 -8.01 6.46
CA GLY F 237 -34.96 -8.28 5.12
C GLY F 237 -36.46 -8.53 5.06
N ASN F 238 -37.21 -7.83 5.91
CA ASN F 238 -38.65 -8.00 5.99
C ASN F 238 -39.39 -7.11 5.00
N THR F 239 -39.04 -5.82 4.96
CA THR F 239 -39.65 -4.87 4.05
C THR F 239 -38.57 -3.99 3.44
N LEU F 240 -38.80 -3.59 2.19
CA LEU F 240 -37.88 -2.72 1.48
C LEU F 240 -38.06 -1.28 1.94
N PRO F 241 -36.98 -0.49 2.00
CA PRO F 241 -35.61 -0.88 1.65
C PRO F 241 -34.89 -1.65 2.75
N PRO F 242 -33.96 -2.53 2.37
CA PRO F 242 -33.11 -3.17 3.37
C PRO F 242 -32.29 -2.13 4.12
N THR F 243 -32.18 -2.31 5.43
CA THR F 243 -31.48 -1.38 6.29
C THR F 243 -30.48 -2.13 7.15
N PHE F 244 -29.37 -1.47 7.46
CA PHE F 244 -28.27 -2.05 8.21
C PHE F 244 -28.05 -1.27 9.50
N GLY F 245 -27.55 -1.97 10.51
CA GLY F 245 -27.09 -1.31 11.72
C GLY F 245 -25.77 -0.59 11.48
N ALA F 246 -25.42 0.28 12.42
CA ALA F 246 -24.18 1.04 12.31
C ALA F 246 -22.94 0.20 12.56
N GLY F 247 -23.09 -1.07 12.95
CA GLY F 247 -21.97 -1.97 13.07
C GLY F 247 -21.36 -2.07 14.44
N THR F 248 -20.89 -3.27 14.80
CA THR F 248 -20.18 -3.51 16.04
C THR F 248 -18.72 -3.80 15.70
N LYS F 249 -17.82 -2.91 16.14
CA LYS F 249 -16.38 -3.06 15.88
C LYS F 249 -15.80 -4.00 16.92
N LEU F 250 -15.57 -5.25 16.53
CA LEU F 250 -15.01 -6.27 17.42
C LEU F 250 -13.49 -6.22 17.30
N GLU F 251 -12.84 -5.56 18.25
CA GLU F 251 -11.41 -5.32 18.21
C GLU F 251 -10.68 -6.21 19.22
N LEU F 252 -9.41 -6.46 18.94
CA LEU F 252 -8.57 -7.19 19.87
C LEU F 252 -8.32 -6.36 21.11
N LYS F 253 -8.27 -7.00 22.27
CA LYS F 253 -8.05 -6.30 23.53
C LYS F 253 -6.56 -6.20 23.83
N GLN G 1 1.61 8.71 7.97
CA GLN G 1 1.22 10.03 8.45
C GLN G 1 1.97 10.41 9.72
N VAL G 2 2.94 11.33 9.59
CA VAL G 2 3.69 11.79 10.74
C VAL G 2 2.81 12.69 11.60
N GLN G 3 2.95 12.56 12.92
CA GLN G 3 2.15 13.36 13.84
C GLN G 3 2.89 13.50 15.15
N LEU G 4 2.83 14.69 15.74
CA LEU G 4 3.47 14.99 17.02
C LEU G 4 2.40 15.58 17.94
N GLN G 5 1.92 14.77 18.88
CA GLN G 5 0.86 15.17 19.80
C GLN G 5 1.49 15.56 21.13
N GLN G 6 1.43 16.84 21.47
CA GLN G 6 2.02 17.35 22.70
C GLN G 6 0.98 17.39 23.82
N SER G 7 1.48 17.39 25.05
CA SER G 7 0.60 17.46 26.21
C SER G 7 -0.11 18.80 26.28
N GLY G 8 -1.24 18.81 26.97
CA GLY G 8 -2.11 19.97 27.01
C GLY G 8 -1.48 21.16 27.73
N ALA G 9 -2.25 22.25 27.75
CA ALA G 9 -1.78 23.48 28.38
C ALA G 9 -1.69 23.31 29.89
N GLU G 10 -0.80 24.09 30.51
CA GLU G 10 -0.55 24.00 31.93
C GLU G 10 -0.43 25.38 32.54
N LEU G 11 -0.94 25.53 33.76
CA LEU G 11 -0.74 26.72 34.58
C LEU G 11 0.20 26.36 35.71
N ALA G 12 1.25 27.17 35.90
CA ALA G 12 2.29 26.89 36.87
C ALA G 12 2.44 28.06 37.83
N LYS G 13 3.10 27.79 38.95
CA LYS G 13 3.38 28.77 39.98
C LYS G 13 4.83 29.24 39.89
N PRO G 14 5.10 30.50 40.22
CA PRO G 14 6.47 31.02 40.11
C PRO G 14 7.43 30.26 41.00
N GLY G 15 8.52 29.78 40.39
CA GLY G 15 9.52 29.00 41.09
C GLY G 15 9.30 27.50 41.04
N ALA G 16 8.16 27.04 40.54
CA ALA G 16 7.85 25.61 40.49
C ALA G 16 8.52 24.98 39.27
N SER G 17 8.20 23.73 39.02
CA SER G 17 8.72 22.99 37.88
C SER G 17 7.57 22.28 37.17
N MET G 18 7.80 21.95 35.90
CA MET G 18 6.77 21.29 35.12
C MET G 18 7.41 20.34 34.11
N LYS G 19 6.59 19.41 33.61
CA LYS G 19 7.04 18.40 32.65
C LYS G 19 5.99 18.28 31.56
N MET G 20 6.41 18.47 30.31
CA MET G 20 5.55 18.32 29.15
C MET G 20 6.09 17.20 28.27
N SER G 21 5.25 16.71 27.36
CA SER G 21 5.57 15.53 26.57
C SER G 21 5.35 15.81 25.09
N CYS G 22 5.74 14.82 24.27
CA CYS G 22 5.66 14.94 22.81
C CYS G 22 5.66 13.53 22.23
N ARG G 23 4.48 13.03 21.89
CA ARG G 23 4.33 11.68 21.36
C ARG G 23 4.38 11.71 19.84
N ALA G 24 5.19 10.82 19.26
CA ALA G 24 5.38 10.76 17.81
C ALA G 24 4.57 9.61 17.21
N SER G 25 4.20 9.78 15.94
CA SER G 25 3.39 8.79 15.24
C SER G 25 3.77 8.79 13.76
N GLY G 26 3.55 7.66 13.11
CA GLY G 26 3.73 7.55 11.67
C GLY G 26 5.16 7.41 11.20
N TYR G 27 6.11 7.11 12.10
CA TYR G 27 7.49 6.89 11.71
C TYR G 27 8.22 6.26 12.88
N SER G 28 9.36 5.63 12.59
CA SER G 28 10.20 5.05 13.62
C SER G 28 10.77 6.16 14.50
N PHE G 29 10.41 6.14 15.78
CA PHE G 29 10.71 7.26 16.67
C PHE G 29 12.20 7.50 16.82
N THR G 30 13.02 6.48 16.64
CA THR G 30 14.44 6.54 16.98
C THR G 30 15.32 7.05 15.84
N SER G 31 14.76 7.35 14.68
CA SER G 31 15.57 7.63 13.50
C SER G 31 15.86 9.11 13.28
N TYR G 32 15.10 10.01 13.91
CA TYR G 32 15.33 11.44 13.76
C TYR G 32 15.31 12.10 15.13
N TRP G 33 16.07 13.20 15.25
CA TRP G 33 16.04 13.99 16.47
C TRP G 33 14.65 14.58 16.70
N ILE G 34 14.44 15.05 17.93
CA ILE G 34 13.28 15.87 18.27
C ILE G 34 13.82 17.20 18.80
N HIS G 35 13.31 18.30 18.26
CA HIS G 35 13.71 19.63 18.70
C HIS G 35 12.67 20.19 19.66
N TRP G 36 13.11 21.14 20.48
CA TRP G 36 12.24 21.84 21.41
C TRP G 36 12.49 23.34 21.28
N LEU G 37 11.42 24.11 21.19
CA LEU G 37 11.51 25.53 20.92
C LEU G 37 10.57 26.32 21.83
N LYS G 38 10.96 27.55 22.12
CA LYS G 38 10.18 28.48 22.92
C LYS G 38 9.78 29.67 22.06
N GLN G 39 8.51 30.05 22.10
CA GLN G 39 7.99 31.19 21.35
C GLN G 39 7.22 32.09 22.30
N ARG G 40 7.79 33.27 22.63
CA ARG G 40 7.13 34.14 23.59
C ARG G 40 6.00 34.94 22.94
N PRO G 41 4.98 35.34 23.76
CA PRO G 41 3.72 35.92 23.24
C PRO G 41 3.60 36.25 21.76
N ASP G 42 4.30 37.25 21.23
CA ASP G 42 4.06 37.72 19.86
C ASP G 42 5.37 38.02 19.14
N GLN G 43 6.27 37.04 19.10
CA GLN G 43 7.57 37.27 18.48
C GLN G 43 8.24 36.00 17.96
N GLY G 44 9.57 36.03 17.91
CA GLY G 44 10.32 34.95 17.31
C GLY G 44 10.48 33.76 18.26
N LEU G 45 10.96 32.68 17.68
CA LEU G 45 11.13 31.43 18.40
C LEU G 45 12.58 31.26 18.81
N GLU G 46 12.79 30.64 19.96
CA GLU G 46 14.13 30.31 20.45
C GLU G 46 14.30 28.79 20.47
N TRP G 47 15.46 28.34 20.02
CA TRP G 47 15.77 26.91 20.01
C TRP G 47 16.31 26.52 21.38
N ILE G 48 15.62 25.59 22.04
CA ILE G 48 16.04 25.12 23.35
C ILE G 48 17.09 24.04 23.25
N GLY G 49 16.80 23.00 22.48
CA GLY G 49 17.74 21.91 22.31
C GLY G 49 17.13 20.79 21.50
N TYR G 50 17.89 19.71 21.38
CA TYR G 50 17.39 18.52 20.72
C TYR G 50 17.87 17.27 21.45
N ILE G 51 17.25 16.14 21.13
CA ILE G 51 17.64 14.84 21.67
C ILE G 51 17.65 13.84 20.52
N ASP G 52 18.64 12.95 20.54
CA ASP G 52 18.66 11.83 19.62
C ASP G 52 18.14 10.61 20.35
N PRO G 53 16.88 10.21 20.15
CA PRO G 53 16.34 9.08 20.93
C PRO G 53 17.11 7.78 20.76
N ALA G 54 17.89 7.64 19.70
CA ALA G 54 18.72 6.45 19.53
C ALA G 54 19.81 6.41 20.61
N THR G 55 20.60 7.47 20.73
CA THR G 55 21.74 7.50 21.65
C THR G 55 21.47 8.31 22.91
N ALA G 56 20.28 8.88 23.06
CA ALA G 56 19.89 9.80 24.12
C ALA G 56 20.82 11.01 24.24
N TYR G 57 21.65 11.27 23.22
CA TYR G 57 22.48 12.47 23.22
C TYR G 57 21.62 13.71 23.10
N THR G 58 21.97 14.73 23.88
CA THR G 58 21.23 15.97 23.93
C THR G 58 22.18 17.15 23.77
N GLU G 59 21.79 18.11 22.94
CA GLU G 59 22.48 19.39 22.80
C GLU G 59 21.58 20.48 23.34
N SER G 60 22.15 21.39 24.12
CA SER G 60 21.36 22.40 24.81
C SER G 60 21.84 23.80 24.44
N ASN G 61 20.90 24.69 24.18
CA ASN G 61 21.20 26.10 24.03
C ASN G 61 21.78 26.63 25.35
N GLN G 62 22.81 27.48 25.23
CA GLN G 62 23.45 28.01 26.44
C GLN G 62 22.47 28.80 27.30
N LYS G 63 21.52 29.48 26.65
CA LYS G 63 20.49 30.23 27.38
C LYS G 63 19.52 29.32 28.13
N PHE G 64 19.50 28.02 27.82
CA PHE G 64 18.54 27.10 28.43
C PHE G 64 19.20 25.90 29.11
N LYS G 65 20.51 25.93 29.34
CA LYS G 65 21.18 24.76 29.90
C LYS G 65 20.71 24.45 31.31
N ASP G 66 20.54 25.49 32.14
CA ASP G 66 20.09 25.32 33.51
C ASP G 66 18.58 25.44 33.65
N LYS G 67 17.87 25.73 32.57
CA LYS G 67 16.42 25.88 32.59
C LYS G 67 15.68 24.62 32.14
N ALA G 68 16.18 23.93 31.12
CA ALA G 68 15.47 22.82 30.51
C ALA G 68 16.28 21.53 30.60
N ILE G 69 15.55 20.41 30.58
CA ILE G 69 16.14 19.08 30.58
C ILE G 69 15.30 18.20 29.64
N LEU G 70 15.92 17.69 28.59
CA LEU G 70 15.21 16.94 27.56
C LEU G 70 15.58 15.47 27.65
N THR G 71 14.56 14.60 27.73
CA THR G 71 14.75 13.16 27.75
C THR G 71 13.73 12.50 26.84
N ALA G 72 13.84 11.18 26.70
CA ALA G 72 12.92 10.40 25.89
C ALA G 72 13.03 8.94 26.30
N ASP G 73 12.08 8.14 25.83
CA ASP G 73 12.12 6.70 26.01
C ASP G 73 11.61 6.04 24.73
N ARG G 74 12.28 4.96 24.33
CA ARG G 74 11.93 4.26 23.09
C ARG G 74 10.67 3.42 23.21
N SER G 75 10.23 3.12 24.44
CA SER G 75 9.09 2.23 24.63
C SER G 75 7.77 2.88 24.20
N SER G 76 7.66 4.21 24.32
CA SER G 76 6.40 4.89 24.08
C SER G 76 6.47 5.90 22.94
N ASN G 77 7.62 6.06 22.28
CA ASN G 77 7.79 7.04 21.21
C ASN G 77 7.42 8.44 21.69
N THR G 78 7.89 8.80 22.88
CA THR G 78 7.55 10.06 23.51
C THR G 78 8.81 10.79 23.96
N ALA G 79 8.86 12.08 23.68
CA ALA G 79 9.90 12.97 24.18
C ALA G 79 9.35 13.79 25.34
N PHE G 80 10.27 14.30 26.17
CA PHE G 80 9.89 15.05 27.36
C PHE G 80 10.82 16.24 27.52
N MET G 81 10.27 17.31 28.08
CA MET G 81 11.05 18.49 28.47
C MET G 81 10.65 18.90 29.87
N TYR G 82 11.63 18.98 30.77
CA TYR G 82 11.42 19.43 32.13
C TYR G 82 11.94 20.86 32.27
N LEU G 83 11.13 21.73 32.83
CA LEU G 83 11.53 23.11 33.11
C LEU G 83 11.50 23.35 34.61
N ASN G 84 12.43 24.16 35.09
CA ASN G 84 12.55 24.45 36.52
CA ASN G 84 12.55 24.45 36.52
C ASN G 84 12.70 25.95 36.73
N SER G 85 12.55 26.37 37.99
CA SER G 85 12.70 27.76 38.40
C SER G 85 11.82 28.68 37.54
N LEU G 86 10.56 28.28 37.36
CA LEU G 86 9.65 28.96 36.45
C LEU G 86 9.38 30.39 36.88
N THR G 87 9.84 31.34 36.08
CA THR G 87 9.51 32.76 36.23
C THR G 87 8.55 33.15 35.12
N SER G 88 7.97 34.36 35.26
CA SER G 88 7.04 34.84 34.25
C SER G 88 7.68 34.96 32.88
N GLU G 89 9.01 35.02 32.80
CA GLU G 89 9.71 35.05 31.53
C GLU G 89 9.68 33.70 30.82
N ASP G 90 9.30 32.63 31.51
CA ASP G 90 9.20 31.30 30.91
C ASP G 90 7.82 31.02 30.33
N SER G 91 6.84 31.87 30.61
CA SER G 91 5.49 31.68 30.08
C SER G 91 5.49 31.95 28.58
N ALA G 92 5.20 30.92 27.79
CA ALA G 92 5.21 31.01 26.34
C ALA G 92 4.57 29.74 25.78
N VAL G 93 4.70 29.55 24.47
CA VAL G 93 4.24 28.33 23.80
C VAL G 93 5.47 27.53 23.40
N TYR G 94 5.50 26.26 23.79
CA TYR G 94 6.63 25.38 23.53
C TYR G 94 6.24 24.33 22.49
N TYR G 95 7.04 24.21 21.45
CA TYR G 95 6.81 23.27 20.37
C TYR G 95 7.87 22.18 20.38
N CYS G 96 7.45 20.97 20.00
CA CYS G 96 8.38 19.90 19.66
C CYS G 96 8.30 19.65 18.16
N ALA G 97 9.46 19.42 17.55
CA ALA G 97 9.53 19.27 16.11
C ALA G 97 10.59 18.24 15.75
N ARG G 98 10.33 17.50 14.67
CA ARG G 98 11.21 16.44 14.23
C ARG G 98 12.23 16.94 13.23
N GLU G 99 13.48 16.52 13.39
CA GLU G 99 14.54 16.89 12.46
C GLU G 99 14.37 16.14 11.14
N SER G 100 14.45 16.86 10.04
CA SER G 100 14.26 16.27 8.73
C SER G 100 15.41 15.30 8.42
N PRO G 101 15.21 14.39 7.46
CA PRO G 101 16.32 13.54 7.02
C PRO G 101 17.50 14.36 6.52
N ARG G 102 18.67 13.73 6.54
CA ARG G 102 19.92 14.38 6.19
C ARG G 102 20.19 14.26 4.70
N LEU G 103 20.85 15.28 4.15
CA LEU G 103 21.28 15.28 2.76
C LEU G 103 22.27 14.15 2.51
N TYR G 108 23.37 17.45 8.23
CA TYR G 108 21.98 17.64 8.59
C TYR G 108 21.49 19.03 8.22
N TYR G 109 20.22 19.13 7.81
CA TYR G 109 19.65 20.41 7.41
C TYR G 109 19.40 21.33 8.59
N TYR G 110 19.18 20.76 9.77
CA TYR G 110 18.59 21.49 10.90
C TYR G 110 17.27 22.13 10.48
N ALA G 111 16.48 21.36 9.73
CA ALA G 111 15.16 21.78 9.27
C ALA G 111 14.11 20.91 9.93
N MET G 112 13.15 21.54 10.59
CA MET G 112 12.11 20.84 11.34
C MET G 112 10.91 20.64 10.41
N ASP G 113 10.84 19.46 9.79
CA ASP G 113 9.83 19.18 8.77
C ASP G 113 8.48 18.80 9.34
N TYR G 114 8.37 18.59 10.65
CA TYR G 114 7.09 18.24 11.26
C TYR G 114 7.04 18.83 12.66
N TRP G 115 5.97 19.56 12.95
CA TRP G 115 5.81 20.28 14.21
C TRP G 115 4.60 19.77 14.97
N GLY G 116 4.67 19.86 16.30
CA GLY G 116 3.51 19.64 17.13
C GLY G 116 2.67 20.90 17.27
N GLN G 117 1.46 20.71 17.80
CA GLN G 117 0.55 21.85 17.96
C GLN G 117 1.04 22.85 18.99
N GLY G 118 1.88 22.42 19.93
CA GLY G 118 2.42 23.31 20.94
C GLY G 118 1.72 23.12 22.29
N THR G 119 2.43 23.52 23.34
CA THR G 119 1.92 23.45 24.71
C THR G 119 2.08 24.82 25.35
N THR G 120 0.95 25.45 25.67
CA THR G 120 0.96 26.76 26.31
C THR G 120 1.16 26.59 27.81
N VAL G 121 2.18 27.23 28.35
CA VAL G 121 2.42 27.24 29.79
C VAL G 121 2.21 28.65 30.29
N THR G 122 1.63 28.77 31.48
CA THR G 122 1.37 30.06 32.11
C THR G 122 1.87 29.99 33.55
N VAL G 123 2.62 31.01 33.97
CA VAL G 123 3.22 31.05 35.29
C VAL G 123 2.95 32.42 35.91
N SER G 124 2.21 32.43 37.01
CA SER G 124 1.94 33.63 37.79
C SER G 124 1.25 33.18 39.08
N SER G 125 0.88 34.16 39.90
CA SER G 125 0.17 33.87 41.14
C SER G 125 -1.14 34.65 41.22
N VAL H 146 27.41 34.63 22.06
CA VAL H 146 26.97 35.27 20.82
C VAL H 146 26.66 34.21 19.77
N ASP H 147 25.76 34.53 18.85
CA ASP H 147 25.44 33.63 17.75
C ASP H 147 24.85 34.44 16.61
N ILE H 148 24.42 33.74 15.57
CA ILE H 148 24.01 34.37 14.31
C ILE H 148 22.68 35.09 14.50
N GLN H 149 22.67 36.38 14.17
CA GLN H 149 21.44 37.15 14.17
C GLN H 149 20.74 37.02 12.82
N MET H 150 19.42 36.86 12.86
CA MET H 150 18.61 36.73 11.66
C MET H 150 17.66 37.93 11.59
N THR H 151 17.96 38.87 10.71
CA THR H 151 17.15 40.06 10.53
C THR H 151 16.13 39.81 9.43
N GLN H 152 14.85 39.83 9.78
CA GLN H 152 13.76 39.50 8.86
C GLN H 152 12.97 40.77 8.57
N THR H 153 12.95 41.18 7.30
CA THR H 153 12.26 42.38 6.86
C THR H 153 11.33 42.06 5.71
N PRO H 154 10.12 42.64 5.68
CA PRO H 154 9.60 43.54 6.72
C PRO H 154 9.05 42.77 7.92
N SER H 155 8.81 43.47 9.03
CA SER H 155 8.23 42.81 10.19
C SER H 155 6.76 42.45 9.97
N SER H 156 6.10 43.09 9.00
CA SER H 156 4.71 42.83 8.69
C SER H 156 4.42 43.42 7.31
N LEU H 157 3.33 42.96 6.71
CA LEU H 157 3.04 43.36 5.34
C LEU H 157 1.55 43.17 5.06
N SER H 158 0.93 44.21 4.50
CA SER H 158 -0.46 44.14 4.06
C SER H 158 -0.46 44.02 2.53
N ALA H 159 -1.01 42.92 2.03
CA ALA H 159 -1.03 42.64 0.59
C ALA H 159 -2.45 42.30 0.16
N SER H 160 -2.62 42.18 -1.15
CA SER H 160 -3.89 41.83 -1.74
C SER H 160 -3.81 40.44 -2.37
N LEU H 161 -4.95 39.76 -2.42
CA LEU H 161 -5.00 38.43 -3.02
C LEU H 161 -4.58 38.49 -4.47
N GLY H 162 -3.59 37.68 -4.83
CA GLY H 162 -3.02 37.68 -6.16
C GLY H 162 -1.71 38.42 -6.28
N ASP H 163 -1.29 39.15 -5.25
CA ASP H 163 -0.06 39.91 -5.30
C ASP H 163 1.16 38.99 -5.27
N ARG H 164 2.29 39.56 -5.65
CA ARG H 164 3.59 38.91 -5.51
C ARG H 164 4.28 39.49 -4.28
N VAL H 165 4.65 38.62 -3.34
CA VAL H 165 5.16 39.04 -2.03
C VAL H 165 6.55 38.42 -1.85
N THR H 166 7.51 39.24 -1.44
CA THR H 166 8.88 38.80 -1.21
C THR H 166 9.31 39.24 0.19
N ILE H 167 9.69 38.27 1.01
CA ILE H 167 10.16 38.51 2.37
C ILE H 167 11.68 38.37 2.39
N SER H 168 12.36 39.25 3.11
CA SER H 168 13.81 39.25 3.19
C SER H 168 14.29 38.72 4.54
N CYS H 169 15.46 38.09 4.52
CA CYS H 169 16.09 37.55 5.72
C CYS H 169 17.59 37.69 5.56
N ARG H 170 18.23 38.40 6.49
CA ARG H 170 19.67 38.65 6.43
C ARG H 170 20.34 38.02 7.65
N ALA H 171 21.24 37.08 7.42
CA ALA H 171 22.01 36.48 8.50
C ALA H 171 23.19 37.38 8.87
N SER H 172 23.52 37.38 10.16
CA SER H 172 24.63 38.19 10.63
C SER H 172 25.98 37.66 10.17
N GLN H 173 26.04 36.39 9.72
CA GLN H 173 27.25 35.84 9.16
C GLN H 173 26.88 34.86 8.06
N ASP H 174 27.86 34.53 7.22
CA ASP H 174 27.66 33.59 6.13
C ASP H 174 27.20 32.25 6.68
N ILE H 175 26.04 31.79 6.22
CA ILE H 175 25.44 30.55 6.70
C ILE H 175 25.45 29.46 5.64
N SER H 176 26.10 29.70 4.50
CA SER H 176 26.36 28.68 3.49
C SER H 176 25.08 27.97 3.04
N ASN H 177 24.05 28.77 2.77
CA ASN H 177 22.78 28.34 2.19
C ASN H 177 21.96 27.45 3.13
N TYR H 178 22.38 27.25 4.37
CA TYR H 178 21.58 26.52 5.35
C TYR H 178 20.55 27.48 5.92
N LEU H 179 19.43 27.62 5.21
CA LEU H 179 18.36 28.53 5.63
C LEU H 179 17.01 27.90 5.32
N ASN H 180 16.11 27.96 6.29
CA ASN H 180 14.80 27.34 6.18
C ASN H 180 13.71 28.36 6.44
N TRP H 181 12.52 28.08 5.91
CA TRP H 181 11.35 28.95 6.08
C TRP H 181 10.20 28.13 6.65
N TYR H 182 9.56 28.66 7.67
CA TYR H 182 8.41 28.02 8.31
C TYR H 182 7.21 28.96 8.27
N GLN H 183 6.03 28.38 8.20
CA GLN H 183 4.77 29.11 8.11
C GLN H 183 3.90 28.77 9.30
N GLN H 184 3.44 29.81 10.02
CA GLN H 184 2.62 29.63 11.21
C GLN H 184 1.27 30.31 11.00
N LYS H 185 0.21 29.50 10.98
CA LYS H 185 -1.16 29.98 10.93
C LYS H 185 -1.55 30.58 12.28
N PRO H 186 -2.41 31.61 12.28
CA PRO H 186 -2.85 32.24 13.54
C PRO H 186 -3.32 31.27 14.62
N ASP H 187 -3.75 30.06 14.26
CA ASP H 187 -4.15 29.09 15.26
C ASP H 187 -2.96 28.49 16.01
N GLY H 188 -1.75 28.60 15.44
CA GLY H 188 -0.55 28.07 16.04
C GLY H 188 0.11 26.97 15.25
N THR H 189 -0.54 26.45 14.21
CA THR H 189 0.03 25.38 13.42
C THR H 189 1.28 25.86 12.68
N VAL H 190 2.34 25.07 12.75
CA VAL H 190 3.60 25.37 12.08
C VAL H 190 3.90 24.26 11.08
N LYS H 191 4.32 24.65 9.87
CA LYS H 191 4.67 23.72 8.83
C LYS H 191 5.93 24.17 8.12
N LEU H 192 6.79 23.20 7.79
CA LEU H 192 7.98 23.52 7.02
C LEU H 192 7.60 23.88 5.59
N LEU H 193 8.17 24.97 5.09
CA LEU H 193 7.95 25.40 3.71
C LEU H 193 9.16 25.11 2.84
N ILE H 194 10.28 25.76 3.13
CA ILE H 194 11.50 25.66 2.33
C ILE H 194 12.64 25.28 3.24
N TYR H 195 13.49 24.36 2.78
CA TYR H 195 14.71 23.98 3.49
C TYR H 195 15.89 24.09 2.54
N TYR H 196 17.03 24.51 3.08
CA TYR H 196 18.26 24.70 2.30
C TYR H 196 18.04 25.73 1.19
N THR H 197 17.61 26.92 1.61
CA THR H 197 17.44 28.09 0.76
C THR H 197 16.34 27.93 -0.30
N SER H 198 16.36 26.85 -1.06
CA SER H 198 15.47 26.73 -2.21
C SER H 198 14.66 25.43 -2.28
N ARG H 199 15.05 24.37 -1.58
CA ARG H 199 14.34 23.11 -1.71
C ARG H 199 12.92 23.23 -1.15
N LEU H 200 11.95 22.73 -1.90
CA LEU H 200 10.55 22.85 -1.57
C LEU H 200 10.11 21.61 -0.79
N HIS H 201 9.71 21.81 0.47
CA HIS H 201 9.22 20.69 1.28
C HIS H 201 8.01 20.06 0.62
N SER H 202 7.98 18.72 0.65
CA SER H 202 6.91 17.97 -0.01
C SER H 202 5.55 18.35 0.58
N GLY H 203 4.68 18.88 -0.26
CA GLY H 203 3.33 19.21 0.17
C GLY H 203 2.95 20.67 -0.06
N VAL H 204 3.90 21.58 0.13
CA VAL H 204 3.60 23.01 0.04
C VAL H 204 3.46 23.40 -1.42
N PRO H 205 2.54 24.30 -1.75
CA PRO H 205 2.24 24.59 -3.16
C PRO H 205 3.43 25.23 -3.89
N SER H 206 3.28 25.30 -5.21
CA SER H 206 4.36 25.71 -6.09
C SER H 206 4.63 27.22 -6.07
N ARG H 207 3.64 28.03 -5.65
CA ARG H 207 3.84 29.47 -5.62
C ARG H 207 4.90 29.90 -4.60
N PHE H 208 5.40 28.98 -3.78
CA PHE H 208 6.46 29.27 -2.84
C PHE H 208 7.81 28.98 -3.46
N SER H 209 8.77 29.87 -3.21
CA SER H 209 10.14 29.68 -3.67
C SER H 209 11.06 30.49 -2.78
N GLY H 210 12.24 29.94 -2.52
CA GLY H 210 13.26 30.62 -1.74
C GLY H 210 14.52 30.82 -2.55
N SER H 211 15.21 31.91 -2.27
CA SER H 211 16.44 32.25 -2.99
C SER H 211 17.42 32.87 -2.02
N GLY H 212 18.69 32.90 -2.43
CA GLY H 212 19.71 33.56 -1.63
C GLY H 212 21.03 32.83 -1.55
N SER H 213 22.03 33.51 -0.99
CA SER H 213 23.37 32.95 -0.81
C SER H 213 24.11 33.82 0.18
N GLY H 214 25.15 33.26 0.78
CA GLY H 214 25.94 33.97 1.77
C GLY H 214 25.13 34.39 2.98
N THR H 215 24.84 35.68 3.11
CA THR H 215 24.10 36.21 4.24
C THR H 215 22.71 36.72 3.87
N ASP H 216 22.40 36.84 2.58
CA ASP H 216 21.15 37.43 2.12
C ASP H 216 20.28 36.37 1.48
N TYR H 217 19.03 36.27 1.95
CA TYR H 217 18.08 35.28 1.45
C TYR H 217 16.70 35.91 1.36
N SER H 218 15.79 35.21 0.69
CA SER H 218 14.45 35.74 0.50
C SER H 218 13.47 34.62 0.23
N LEU H 219 12.22 34.83 0.65
CA LEU H 219 11.10 33.95 0.34
C LEU H 219 10.12 34.72 -0.55
N THR H 220 9.55 34.03 -1.54
CA THR H 220 8.65 34.66 -2.49
C THR H 220 7.38 33.85 -2.61
N ILE H 221 6.24 34.53 -2.46
CA ILE H 221 4.92 33.99 -2.79
C ILE H 221 4.49 34.67 -4.08
N SER H 222 4.39 33.90 -5.16
CA SER H 222 4.20 34.50 -6.48
C SER H 222 2.78 35.03 -6.66
N ASN H 223 1.77 34.26 -6.26
CA ASN H 223 0.37 34.63 -6.41
C ASN H 223 -0.30 34.40 -5.06
N LEU H 224 -0.34 35.44 -4.24
CA LEU H 224 -0.84 35.33 -2.87
C LEU H 224 -2.30 34.86 -2.85
N GLU H 225 -2.57 33.82 -2.08
CA GLU H 225 -3.91 33.28 -1.91
C GLU H 225 -4.31 33.38 -0.44
N GLN H 226 -5.60 33.10 -0.20
CA GLN H 226 -6.16 33.28 1.15
C GLN H 226 -5.50 32.36 2.16
N GLU H 227 -5.23 31.11 1.77
CA GLU H 227 -4.63 30.14 2.69
C GLU H 227 -3.23 30.54 3.13
N ASP H 228 -2.63 31.57 2.53
CA ASP H 228 -1.28 31.98 2.85
C ASP H 228 -1.22 33.07 3.92
N ILE H 229 -2.36 33.58 4.37
CA ILE H 229 -2.38 34.56 5.46
C ILE H 229 -1.83 33.90 6.71
N ALA H 230 -0.57 34.19 7.02
CA ALA H 230 0.13 33.54 8.13
C ALA H 230 1.38 34.36 8.45
N THR H 231 2.17 33.86 9.40
CA THR H 231 3.43 34.47 9.77
C THR H 231 4.58 33.58 9.31
N TYR H 232 5.61 34.19 8.74
CA TYR H 232 6.70 33.46 8.10
C TYR H 232 8.01 33.77 8.81
N PHE H 233 8.74 32.72 9.16
CA PHE H 233 10.01 32.82 9.88
C PHE H 233 11.13 32.21 9.05
N CYS H 234 12.30 32.83 9.10
CA CYS H 234 13.51 32.24 8.56
C CYS H 234 14.38 31.73 9.71
N GLN H 235 15.21 30.74 9.41
CA GLN H 235 16.02 30.10 10.43
C GLN H 235 17.26 29.50 9.79
N GLN H 236 18.43 29.96 10.23
CA GLN H 236 19.68 29.38 9.77
C GLN H 236 19.92 28.05 10.47
N GLY H 237 20.43 27.09 9.72
CA GLY H 237 20.78 25.80 10.27
C GLY H 237 22.24 25.47 10.06
N ASN H 238 23.06 26.53 9.96
CA ASN H 238 24.48 26.34 9.66
C ASN H 238 25.26 25.94 10.91
N THR H 239 25.18 26.73 11.98
CA THR H 239 25.91 26.47 13.19
C THR H 239 24.99 26.60 14.40
N LEU H 240 25.38 25.95 15.50
CA LEU H 240 24.60 25.92 16.73
C LEU H 240 24.83 27.21 17.53
N PRO H 241 23.79 27.74 18.19
CA PRO H 241 22.41 27.24 18.08
C PRO H 241 21.69 27.77 16.84
N PRO H 242 20.72 27.01 16.33
CA PRO H 242 19.86 27.53 15.27
C PRO H 242 19.11 28.76 15.75
N THR H 243 19.10 29.80 14.93
CA THR H 243 18.48 31.07 15.29
C THR H 243 17.44 31.47 14.27
N PHE H 244 16.38 32.11 14.75
CA PHE H 244 15.24 32.50 13.95
C PHE H 244 15.18 34.02 13.80
N GLY H 245 14.56 34.47 12.71
CA GLY H 245 14.21 35.86 12.59
C GLY H 245 12.93 36.18 13.32
N ALA H 246 12.68 37.47 13.52
CA ALA H 246 11.50 37.91 14.26
C ALA H 246 10.21 37.57 13.54
N GLY H 247 10.26 37.31 12.24
CA GLY H 247 9.10 36.90 11.49
C GLY H 247 8.48 38.04 10.70
N THR H 248 7.60 37.67 9.78
CA THR H 248 6.85 38.60 8.96
C THR H 248 5.39 38.19 8.98
N LYS H 249 4.51 39.09 9.43
CA LYS H 249 3.08 38.84 9.42
C LYS H 249 2.50 39.23 8.07
N LEU H 250 1.65 38.38 7.52
CA LEU H 250 1.07 38.55 6.20
C LEU H 250 -0.44 38.64 6.35
N GLU H 251 -1.00 39.81 6.05
CA GLU H 251 -2.43 40.05 6.15
C GLU H 251 -2.95 40.72 4.89
N LEU H 252 -4.27 40.80 4.77
CA LEU H 252 -4.91 41.32 3.57
C LEU H 252 -5.23 42.79 3.70
N LYS H 253 -5.34 43.46 2.55
CA LYS H 253 -5.75 44.86 2.49
C LYS H 253 -7.26 44.97 2.58
C2 BGC I . -22.66 -15.47 -21.47
C3 BGC I . -21.71 -15.02 -22.59
C4 BGC I . -20.32 -14.65 -22.01
C5 BGC I . -19.77 -15.85 -21.14
C6 BGC I . -18.44 -15.57 -20.33
C1 BGC I . -22.01 -16.68 -20.74
O1 BGC I . -22.83 -16.93 -19.64
O2 BGC I . -23.84 -15.87 -22.10
O3 BGC I . -22.19 -13.86 -23.17
O4 BGC I . -19.46 -14.36 -23.08
O5 BGC I . -20.76 -16.25 -20.20
O6 BGC I . -18.06 -14.23 -20.42
C1 GAL I . -19.05 -13.01 -23.19
C2 GAL I . -17.70 -12.88 -23.95
C3 GAL I . -17.21 -11.41 -24.10
C4 GAL I . -18.39 -10.57 -24.69
C5 GAL I . -19.76 -10.85 -23.97
C6 GAL I . -20.93 -10.11 -24.65
O2 GAL I . -16.74 -13.55 -23.19
O3 GAL I . -16.06 -11.28 -24.87
O4 GAL I . -18.48 -10.88 -26.04
O5 GAL I . -20.02 -12.22 -23.80
O6 GAL I . -20.64 -8.75 -24.80
O9 NGC I . -15.65 -13.32 -18.26
C9 NGC I . -14.48 -13.50 -19.00
C8 NGC I . -14.75 -12.95 -20.44
O8 NGC I . -14.98 -11.59 -20.31
C7 NGC I . -13.51 -13.11 -21.40
O7 NGC I . -13.59 -14.37 -22.00
C6 NGC I . -13.43 -12.01 -22.54
O6 NGC I . -14.62 -12.06 -23.28
C2 NGC I . -14.77 -11.07 -24.31
C1 NGC I . -14.92 -9.55 -23.73
O1B NGC I . -14.67 -8.65 -24.55
O1A NGC I . -15.26 -9.44 -22.56
C3 NGC I . -13.56 -11.10 -25.30
C4 NGC I . -12.23 -11.17 -24.53
O4 NGC I . -11.22 -11.47 -25.45
C5 NGC I . -12.23 -12.29 -23.48
N5 NGC I . -10.95 -12.44 -22.79
C10 NGC I . -10.10 -13.52 -22.98
O10 NGC I . -10.38 -14.42 -23.76
C11 NGC I . -8.79 -13.60 -22.22
O11 NGC I . -8.54 -12.30 -21.79
#